data_6LNK
#
_entry.id   6LNK
#
_cell.length_a   160.475
_cell.length_b   56.758
_cell.length_c   82.388
_cell.angle_alpha   90.000
_cell.angle_beta   95.850
_cell.angle_gamma   90.000
#
_symmetry.space_group_name_H-M   'C 1 2 1'
#
loop_
_entity.id
_entity.type
_entity.pdbx_description
1 polymer 'Fructose-bisphosphate aldolase'
2 non-polymer 'ZINC ION'
3 non-polymer 1,2-ETHANEDIOL
4 water water
#
_entity_poly.entity_id   1
_entity_poly.type   'polypeptide(L)'
_entity_poly.pdbx_seq_one_letter_code
;MAPPAVLSKSGVIYGKDVKDLFDYAQEKGFAIPAINVTSSSTVVAALEAARDNKAPIILQTSQGGAAYFAGKGVDNKDQA
ASIAGSIAAAHYIRAIAPTYGIPVVLHTDHCAKKLLPWFDGMLKADEEFFAKTGTPLFSSHMLDLSEETDDENIATCAKY
FERMAKMGQWLEMEIGITGGEEDGVNNEHVEKDALYTSPETVFAVYESLHKISPNFSIAAAFGNVHGVYKPGNVQLRPEI
LGDHQVYAKKQIGTDAKHPLYLVFHGGSGSTQEEFNTAIKNGVVKVNLDTDCQYAYLTGIRDYVTNKIEYLKAPVGNPEG
ADKPNKKYFDPRVWVREGEKTMSKRIAEALDIFHTKGQLHHHHHH
;
_entity_poly.pdbx_strand_id   A,B
#
loop_
_chem_comp.id
_chem_comp.type
_chem_comp.name
_chem_comp.formula
EDO non-polymer 1,2-ETHANEDIOL 'C2 H6 O2'
ZN non-polymer 'ZINC ION' 'Zn 2'
#
# COMPACT_ATOMS: atom_id res chain seq x y z
N PRO A 3 9.56 -22.06 -24.66
CA PRO A 3 9.69 -21.51 -23.30
C PRO A 3 9.77 -19.98 -23.34
N PRO A 4 8.64 -19.31 -23.10
CA PRO A 4 8.58 -17.86 -23.34
C PRO A 4 9.30 -17.06 -22.27
N ALA A 5 9.90 -15.95 -22.71
CA ALA A 5 10.56 -14.98 -21.86
C ALA A 5 9.82 -14.70 -20.56
N VAL A 6 8.49 -14.57 -20.63
CA VAL A 6 7.63 -14.24 -19.48
C VAL A 6 8.05 -14.97 -18.23
N LEU A 7 8.35 -16.26 -18.37
CA LEU A 7 8.57 -17.09 -17.18
C LEU A 7 9.88 -16.74 -16.47
N SER A 8 10.78 -16.02 -17.12
CA SER A 8 12.01 -15.55 -16.49
C SER A 8 11.91 -14.11 -16.00
N LYS A 9 10.79 -13.45 -16.21
CA LYS A 9 10.66 -12.04 -15.89
C LYS A 9 10.21 -11.84 -14.45
N SER A 10 10.28 -10.58 -14.01
CA SER A 10 9.99 -10.22 -12.62
C SER A 10 9.29 -8.86 -12.55
N GLY A 11 8.10 -8.84 -11.93
CA GLY A 11 7.26 -7.67 -11.89
C GLY A 11 5.99 -7.83 -12.71
N VAL A 12 5.36 -6.70 -12.96
CA VAL A 12 4.10 -6.67 -13.70
C VAL A 12 4.41 -6.78 -15.19
N ILE A 13 3.61 -7.59 -15.90
CA ILE A 13 3.83 -7.88 -17.32
C ILE A 13 2.66 -7.32 -18.13
N TYR A 14 2.93 -7.14 -19.41
CA TYR A 14 1.98 -6.49 -20.29
C TYR A 14 2.01 -7.15 -21.66
N GLY A 15 0.95 -6.90 -22.42
CA GLY A 15 0.97 -7.19 -23.83
C GLY A 15 1.26 -8.66 -24.07
N LYS A 16 2.16 -8.91 -25.03
CA LYS A 16 2.45 -10.26 -25.45
C LYS A 16 2.90 -11.18 -24.29
N ASP A 17 3.54 -10.64 -23.25
CA ASP A 17 3.94 -11.48 -22.12
C ASP A 17 2.73 -12.10 -21.43
N VAL A 18 1.62 -11.36 -21.36
CA VAL A 18 0.40 -11.89 -20.75
C VAL A 18 -0.15 -13.03 -21.60
N LYS A 19 -0.19 -12.85 -22.93
CA LYS A 19 -0.66 -13.93 -23.79
C LYS A 19 0.26 -15.15 -23.70
N ASP A 20 1.57 -14.94 -23.85
CA ASP A 20 2.51 -16.05 -23.76
C ASP A 20 2.31 -16.83 -22.46
N LEU A 21 2.12 -16.13 -21.34
CA LEU A 21 1.93 -16.82 -20.08
C LEU A 21 0.65 -17.65 -20.11
N PHE A 22 -0.43 -17.11 -20.68
CA PHE A 22 -1.68 -17.86 -20.73
C PHE A 22 -1.58 -19.03 -21.71
N ASP A 23 -0.86 -18.86 -22.80
CA ASP A 23 -0.64 -19.99 -23.67
C ASP A 23 0.22 -21.03 -22.96
N TYR A 24 1.25 -20.59 -22.25
CA TYR A 24 2.07 -21.53 -21.48
C TYR A 24 1.22 -22.32 -20.50
N ALA A 25 0.26 -21.65 -19.85
CA ALA A 25 -0.60 -22.34 -18.90
C ALA A 25 -1.46 -23.39 -19.60
N GLN A 26 -1.98 -23.06 -20.79
CA GLN A 26 -2.86 -24.00 -21.46
C GLN A 26 -2.10 -25.23 -21.93
N GLU A 27 -0.87 -25.06 -22.42
CA GLU A 27 -0.13 -26.20 -22.95
C GLU A 27 0.62 -26.98 -21.88
N LYS A 28 0.94 -26.35 -20.75
CA LYS A 28 1.48 -27.10 -19.64
C LYS A 28 0.41 -27.51 -18.64
N GLY A 29 -0.83 -27.06 -18.82
CA GLY A 29 -1.95 -27.59 -18.06
C GLY A 29 -2.05 -27.12 -16.62
N PHE A 30 -1.91 -25.81 -16.40
CA PHE A 30 -2.13 -25.28 -15.07
C PHE A 30 -2.95 -24.01 -15.20
N ALA A 31 -3.67 -23.68 -14.12
CA ALA A 31 -4.32 -22.39 -13.94
C ALA A 31 -3.50 -21.51 -13.00
N ILE A 32 -3.70 -20.20 -13.12
CA ILE A 32 -3.03 -19.22 -12.29
C ILE A 32 -4.07 -18.61 -11.35
N PRO A 33 -3.89 -18.68 -10.04
CA PRO A 33 -4.89 -18.08 -9.14
C PRO A 33 -4.89 -16.58 -9.30
N ALA A 34 -6.07 -15.99 -9.17
CA ALA A 34 -6.25 -14.55 -9.25
C ALA A 34 -6.76 -14.07 -7.89
N ILE A 35 -5.92 -13.36 -7.15
CA ILE A 35 -6.19 -13.03 -5.75
C ILE A 35 -6.64 -11.58 -5.64
N ASN A 36 -7.85 -11.38 -5.12
CA ASN A 36 -8.33 -10.02 -4.84
C ASN A 36 -7.57 -9.42 -3.66
N VAL A 37 -7.08 -8.21 -3.85
CA VAL A 37 -6.30 -7.57 -2.81
C VAL A 37 -6.97 -6.25 -2.40
N THR A 38 -6.64 -5.81 -1.19
CA THR A 38 -7.27 -4.63 -0.63
C THR A 38 -6.29 -3.75 0.14
N SER A 39 -4.99 -4.04 0.07
CA SER A 39 -4.01 -3.36 0.92
C SER A 39 -2.63 -3.80 0.52
N SER A 40 -1.63 -3.03 0.91
CA SER A 40 -0.26 -3.45 0.67
C SER A 40 0.02 -4.78 1.35
N SER A 41 -0.52 -4.95 2.57
CA SER A 41 -0.37 -6.19 3.31
C SER A 41 -0.89 -7.39 2.54
N THR A 42 -2.10 -7.28 2.00
CA THR A 42 -2.57 -8.45 1.27
C THR A 42 -1.83 -8.66 -0.05
N VAL A 43 -1.26 -7.63 -0.69
CA VAL A 43 -0.55 -7.98 -1.91
C VAL A 43 0.77 -8.61 -1.53
N VAL A 44 1.36 -8.17 -0.42
CA VAL A 44 2.56 -8.80 0.09
C VAL A 44 2.30 -10.29 0.35
N ALA A 45 1.16 -10.61 0.96
CA ALA A 45 0.83 -12.00 1.23
C ALA A 45 0.84 -12.82 -0.05
N ALA A 46 0.27 -12.28 -1.13
CA ALA A 46 0.16 -13.04 -2.38
C ALA A 46 1.49 -13.12 -3.10
N LEU A 47 2.21 -12.01 -3.21
CA LEU A 47 3.51 -12.02 -3.89
C LEU A 47 4.48 -12.98 -3.21
N GLU A 48 4.38 -13.11 -1.88
CA GLU A 48 5.22 -14.03 -1.13
C GLU A 48 4.86 -15.47 -1.43
N ALA A 49 3.58 -15.83 -1.26
CA ALA A 49 3.14 -17.18 -1.60
C ALA A 49 3.53 -17.53 -3.02
N ALA A 50 3.53 -16.58 -3.88
CA ALA A 50 3.88 -16.86 -5.22
C ALA A 50 5.34 -17.05 -5.45
N ARG A 51 6.19 -16.32 -4.80
CA ARG A 51 7.60 -16.43 -5.05
C ARG A 51 8.15 -17.65 -4.46
N ASP A 52 7.62 -17.98 -3.30
CA ASP A 52 8.01 -19.15 -2.60
C ASP A 52 7.67 -20.42 -3.30
N ASN A 53 6.61 -20.46 -4.09
CA ASN A 53 6.31 -21.65 -4.80
C ASN A 53 6.65 -21.51 -6.24
N LYS A 54 7.56 -20.60 -6.56
CA LYS A 54 8.03 -20.30 -7.90
C LYS A 54 6.91 -20.29 -8.90
N ALA A 55 6.08 -19.28 -8.83
CA ALA A 55 4.96 -19.24 -9.69
C ALA A 55 4.52 -17.89 -10.13
N PRO A 56 3.83 -17.82 -11.25
CA PRO A 56 3.19 -16.56 -11.65
C PRO A 56 1.94 -16.37 -10.82
N ILE A 57 1.49 -15.12 -10.71
CA ILE A 57 0.32 -14.78 -9.92
C ILE A 57 -0.45 -13.67 -10.63
N ILE A 58 -1.75 -13.65 -10.39
CA ILE A 58 -2.61 -12.57 -10.85
C ILE A 58 -3.11 -11.83 -9.62
N LEU A 59 -2.92 -10.52 -9.61
CA LEU A 59 -3.43 -9.67 -8.55
C LEU A 59 -4.54 -8.80 -9.11
N GLN A 60 -5.69 -8.81 -8.46
CA GLN A 60 -6.81 -8.06 -8.96
C GLN A 60 -7.37 -7.16 -7.87
N THR A 61 -8.05 -6.16 -8.31
CA THR A 61 -8.63 -5.22 -7.46
C THR A 61 -10.07 -5.13 -7.84
N SER A 62 -10.96 -5.31 -6.91
CA SER A 62 -12.35 -5.17 -7.23
C SER A 62 -12.79 -3.75 -7.04
N GLN A 63 -14.00 -3.43 -7.41
CA GLN A 63 -14.45 -2.07 -7.29
C GLN A 63 -14.44 -1.63 -5.87
N GLY A 64 -14.81 -2.54 -5.02
CA GLY A 64 -14.73 -2.27 -3.59
C GLY A 64 -13.35 -2.36 -3.01
N GLY A 65 -12.52 -3.28 -3.51
CA GLY A 65 -11.15 -3.34 -3.05
C GLY A 65 -10.32 -2.15 -3.51
N ALA A 66 -10.60 -1.66 -4.68
CA ALA A 66 -9.94 -0.51 -5.15
C ALA A 66 -10.31 0.62 -4.30
N ALA A 67 -11.55 0.77 -3.93
CA ALA A 67 -11.91 1.88 -3.06
C ALA A 67 -11.28 1.74 -1.67
N TYR A 68 -11.08 0.51 -1.19
CA TYR A 68 -10.39 0.36 0.08
C TYR A 68 -8.97 0.93 0.02
N PHE A 69 -8.27 0.69 -1.10
CA PHE A 69 -6.94 1.27 -1.28
C PHE A 69 -7.00 2.78 -1.16
N ALA A 70 -8.07 3.36 -1.70
CA ALA A 70 -8.32 4.79 -1.53
C ALA A 70 -8.63 5.12 -0.08
N GLY A 71 -9.42 4.28 0.58
CA GLY A 71 -9.89 4.60 1.92
C GLY A 71 -11.40 4.68 1.90
N LYS A 72 -12.02 4.05 2.90
CA LYS A 72 -13.48 4.00 2.95
C LYS A 72 -14.06 5.37 3.28
N GLY A 73 -13.28 6.27 3.84
CA GLY A 73 -13.75 7.63 4.06
C GLY A 73 -13.69 8.55 2.86
N VAL A 74 -13.30 8.05 1.70
CA VAL A 74 -13.23 8.84 0.49
C VAL A 74 -14.53 8.62 -0.28
N ASP A 75 -15.24 9.71 -0.55
CA ASP A 75 -16.55 9.65 -1.20
C ASP A 75 -16.44 8.99 -2.57
N ASN A 76 -17.24 7.95 -2.78
CA ASN A 76 -17.15 7.10 -3.96
C ASN A 76 -18.44 7.13 -4.78
N LYS A 77 -19.34 8.07 -4.50
CA LYS A 77 -20.54 8.24 -5.31
C LYS A 77 -20.21 8.39 -6.79
N ASP A 78 -19.08 9.00 -7.10
CA ASP A 78 -18.67 9.32 -8.46
C ASP A 78 -17.60 8.37 -8.99
N GLN A 79 -17.27 7.36 -8.22
CA GLN A 79 -16.17 6.41 -8.44
C GLN A 79 -14.83 7.04 -8.19
N ALA A 80 -14.78 8.20 -7.58
CA ALA A 80 -13.49 8.87 -7.38
C ALA A 80 -12.54 8.01 -6.55
N ALA A 81 -13.07 7.21 -5.61
CA ALA A 81 -12.22 6.37 -4.74
C ALA A 81 -11.73 5.12 -5.46
N SER A 82 -12.57 4.43 -6.16
CA SER A 82 -12.15 3.28 -6.85
C SER A 82 -11.15 3.66 -7.89
N ILE A 83 -11.24 4.83 -8.47
CA ILE A 83 -10.32 5.19 -9.47
C ILE A 83 -9.03 5.59 -8.87
N ALA A 84 -9.01 6.40 -7.86
CA ALA A 84 -7.77 6.77 -7.18
C ALA A 84 -7.13 5.56 -6.51
N GLY A 85 -7.96 4.73 -5.85
CA GLY A 85 -7.42 3.59 -5.15
C GLY A 85 -6.80 2.58 -6.09
N SER A 86 -7.41 2.32 -7.21
CA SER A 86 -6.88 1.38 -8.13
C SER A 86 -5.63 1.90 -8.74
N ILE A 87 -5.59 3.15 -9.04
CA ILE A 87 -4.36 3.75 -9.54
C ILE A 87 -3.28 3.72 -8.46
N ALA A 88 -3.66 4.04 -7.22
CA ALA A 88 -2.67 3.97 -6.16
C ALA A 88 -2.13 2.55 -5.99
N ALA A 89 -3.00 1.53 -6.03
CA ALA A 89 -2.53 0.16 -5.87
C ALA A 89 -1.67 -0.28 -7.05
N ALA A 90 -1.98 0.21 -8.26
CA ALA A 90 -1.21 -0.12 -9.44
C ALA A 90 0.25 0.29 -9.27
N HIS A 91 0.46 1.53 -8.86
CA HIS A 91 1.83 1.97 -8.65
C HIS A 91 2.49 1.15 -7.55
N TYR A 92 1.81 0.99 -6.42
CA TYR A 92 2.42 0.22 -5.34
C TYR A 92 2.81 -1.17 -5.83
N ILE A 93 1.91 -1.84 -6.54
CA ILE A 93 2.18 -3.21 -6.99
C ILE A 93 3.31 -3.22 -8.01
N ARG A 94 3.25 -2.33 -9.01
CA ARG A 94 4.38 -2.19 -9.93
C ARG A 94 5.69 -2.01 -9.17
N ALA A 95 5.70 -1.13 -8.17
CA ALA A 95 6.97 -0.80 -7.55
C ALA A 95 7.52 -1.95 -6.72
N ILE A 96 6.66 -2.76 -6.12
CA ILE A 96 7.16 -3.80 -5.23
C ILE A 96 7.26 -5.15 -5.92
N ALA A 97 6.43 -5.40 -6.95
CA ALA A 97 6.38 -6.72 -7.55
C ALA A 97 7.74 -7.23 -8.00
N PRO A 98 8.60 -6.43 -8.63
CA PRO A 98 9.87 -6.98 -9.09
C PRO A 98 10.72 -7.55 -7.96
N THR A 99 10.64 -6.94 -6.78
CA THR A 99 11.39 -7.40 -5.61
C THR A 99 11.16 -8.88 -5.33
N TYR A 100 9.97 -9.41 -5.67
CA TYR A 100 9.67 -10.82 -5.42
C TYR A 100 10.08 -11.73 -6.56
N GLY A 101 10.57 -11.14 -7.62
CA GLY A 101 11.06 -11.81 -8.79
C GLY A 101 10.27 -12.82 -9.58
N ILE A 102 9.00 -12.56 -9.84
CA ILE A 102 8.10 -13.40 -10.64
C ILE A 102 7.34 -12.51 -11.61
N PRO A 103 6.61 -13.06 -12.58
CA PRO A 103 5.70 -12.24 -13.37
C PRO A 103 4.35 -12.09 -12.70
N VAL A 104 3.83 -10.86 -12.71
CA VAL A 104 2.58 -10.52 -12.02
C VAL A 104 1.64 -9.87 -13.03
N VAL A 105 0.45 -10.47 -13.21
CA VAL A 105 -0.61 -9.85 -14.01
C VAL A 105 -1.46 -8.99 -13.08
N LEU A 106 -1.57 -7.71 -13.42
CA LEU A 106 -2.28 -6.73 -12.62
C LEU A 106 -3.64 -6.45 -13.27
N HIS A 107 -4.70 -6.81 -12.60
CA HIS A 107 -6.03 -6.81 -13.15
C HIS A 107 -7.11 -6.21 -12.27
N THR A 108 -8.19 -5.76 -12.84
CA THR A 108 -9.28 -5.28 -12.08
C THR A 108 -10.41 -6.24 -12.22
N ASP A 109 -11.22 -6.41 -11.20
CA ASP A 109 -12.30 -7.35 -11.17
C ASP A 109 -13.58 -6.78 -11.74
N HIS A 110 -14.66 -7.54 -11.64
CA HIS A 110 -15.99 -7.25 -12.08
C HIS A 110 -16.39 -5.82 -12.15
N CYS A 111 -16.84 -5.39 -13.29
CA CYS A 111 -17.28 -4.05 -13.50
C CYS A 111 -18.54 -4.10 -14.31
N ALA A 112 -19.69 -3.93 -13.71
CA ALA A 112 -20.97 -3.97 -14.36
C ALA A 112 -21.31 -2.65 -15.00
N LYS A 113 -22.44 -2.55 -15.67
CA LYS A 113 -22.76 -1.36 -16.44
C LYS A 113 -22.87 -0.11 -15.56
N LYS A 114 -23.31 -0.24 -14.31
CA LYS A 114 -23.41 0.97 -13.51
C LYS A 114 -22.07 1.44 -12.94
N LEU A 115 -21.05 0.64 -13.07
CA LEU A 115 -19.75 0.98 -12.61
C LEU A 115 -18.83 1.31 -13.71
N LEU A 116 -19.32 1.58 -14.90
CA LEU A 116 -18.48 1.89 -16.03
C LEU A 116 -17.67 3.14 -15.91
N PRO A 117 -18.09 4.11 -15.12
CA PRO A 117 -17.22 5.24 -14.90
C PRO A 117 -15.92 4.89 -14.21
N TRP A 118 -16.00 3.83 -13.20
CA TRP A 118 -14.80 3.26 -12.65
C TRP A 118 -13.98 2.77 -13.76
N PHE A 119 -14.52 2.17 -14.79
CA PHE A 119 -13.73 1.67 -15.90
C PHE A 119 -13.09 2.75 -16.74
N ASP A 120 -13.85 3.75 -17.05
CA ASP A 120 -13.42 4.86 -17.85
C ASP A 120 -12.26 5.63 -17.24
N GLY A 121 -12.25 5.76 -15.94
CA GLY A 121 -11.20 6.45 -15.28
C GLY A 121 -9.93 5.70 -15.31
N MET A 122 -9.99 4.39 -15.28
CA MET A 122 -8.80 3.61 -15.33
C MET A 122 -8.26 3.67 -16.72
N LEU A 123 -9.08 3.55 -17.72
CA LEU A 123 -8.56 3.63 -19.09
C LEU A 123 -7.90 4.96 -19.36
N LYS A 124 -8.49 6.07 -18.88
CA LYS A 124 -7.81 7.35 -19.03
C LYS A 124 -6.40 7.29 -18.45
N ALA A 125 -6.29 6.96 -17.16
CA ALA A 125 -4.99 6.82 -16.52
C ALA A 125 -4.08 5.87 -17.29
N ASP A 126 -4.62 4.75 -17.76
CA ASP A 126 -3.88 3.82 -18.60
C ASP A 126 -3.25 4.52 -19.81
N GLU A 127 -4.10 5.12 -20.64
CA GLU A 127 -3.62 5.78 -21.85
C GLU A 127 -2.57 6.81 -21.52
N GLU A 128 -2.88 7.71 -20.59
CA GLU A 128 -1.91 8.67 -20.11
C GLU A 128 -0.60 7.99 -19.74
N PHE A 129 -0.67 6.91 -18.95
CA PHE A 129 0.56 6.22 -18.57
C PHE A 129 1.22 5.58 -19.78
N PHE A 130 0.41 5.04 -20.69
CA PHE A 130 0.98 4.44 -21.89
C PHE A 130 1.75 5.46 -22.71
N ALA A 131 1.25 6.69 -22.80
CA ALA A 131 1.95 7.71 -23.58
C ALA A 131 3.33 8.00 -23.01
N LYS A 132 3.43 8.17 -21.70
CA LYS A 132 4.72 8.50 -21.12
C LYS A 132 5.67 7.30 -21.06
N THR A 133 5.17 6.07 -21.06
CA THR A 133 6.04 4.97 -20.64
C THR A 133 6.08 3.74 -21.54
N GLY A 134 5.19 3.60 -22.51
CA GLY A 134 5.18 2.41 -23.34
C GLY A 134 4.40 1.23 -22.80
N THR A 135 3.95 1.26 -21.54
CA THR A 135 3.01 0.25 -21.08
C THR A 135 1.83 0.93 -20.40
N PRO A 136 0.67 0.29 -20.38
CA PRO A 136 -0.41 0.80 -19.54
C PRO A 136 -0.08 0.64 -18.07
N LEU A 137 -0.96 1.13 -17.22
CA LEU A 137 -0.84 0.86 -15.80
C LEU A 137 -1.23 -0.58 -15.49
N PHE A 138 -2.43 -0.99 -15.89
CA PHE A 138 -2.92 -2.31 -15.58
C PHE A 138 -2.61 -3.30 -16.69
N SER A 139 -2.33 -4.55 -16.27
CA SER A 139 -2.11 -5.61 -17.25
C SER A 139 -3.42 -5.91 -17.95
N SER A 140 -4.53 -5.85 -17.21
CA SER A 140 -5.77 -6.51 -17.56
C SER A 140 -6.95 -5.79 -16.91
N HIS A 141 -8.09 -5.84 -17.55
CA HIS A 141 -9.29 -5.25 -17.04
C HIS A 141 -10.45 -6.15 -17.30
N MET A 142 -11.45 -6.13 -16.45
CA MET A 142 -12.63 -6.94 -16.63
C MET A 142 -13.95 -6.18 -16.77
N LEU A 143 -14.82 -6.63 -17.63
CA LEU A 143 -16.14 -6.10 -17.81
C LEU A 143 -17.09 -7.20 -17.44
N ASP A 144 -18.16 -6.88 -16.79
CA ASP A 144 -19.11 -7.89 -16.42
C ASP A 144 -20.45 -7.39 -16.77
N LEU A 145 -20.80 -7.43 -18.02
CA LEU A 145 -22.09 -6.99 -18.39
C LEU A 145 -23.00 -8.13 -18.62
N SER A 146 -22.85 -9.17 -17.83
CA SER A 146 -23.61 -10.36 -17.92
C SER A 146 -25.04 -10.17 -17.58
N GLU A 147 -25.37 -9.05 -16.98
CA GLU A 147 -26.76 -8.75 -16.71
C GLU A 147 -27.46 -8.21 -17.95
N GLU A 148 -26.71 -7.58 -18.83
CA GLU A 148 -27.30 -7.05 -20.05
C GLU A 148 -27.59 -8.21 -21.01
N THR A 149 -28.38 -7.90 -22.04
CA THR A 149 -28.49 -8.83 -23.14
C THR A 149 -27.13 -9.01 -23.78
N ASP A 150 -26.95 -10.15 -24.43
CA ASP A 150 -25.62 -10.49 -24.94
C ASP A 150 -25.20 -9.59 -26.10
N ASP A 151 -26.14 -9.10 -26.90
CA ASP A 151 -25.78 -8.16 -27.96
C ASP A 151 -25.14 -6.91 -27.38
N GLU A 152 -25.81 -6.28 -26.41
CA GLU A 152 -25.25 -5.12 -25.75
C GLU A 152 -23.94 -5.47 -25.06
N ASN A 153 -23.91 -6.58 -24.38
CA ASN A 153 -22.72 -7.03 -23.72
C ASN A 153 -21.58 -7.19 -24.67
N ILE A 154 -21.75 -7.88 -25.76
CA ILE A 154 -20.66 -8.04 -26.67
C ILE A 154 -20.38 -6.75 -27.39
N ALA A 155 -21.40 -5.98 -27.71
CA ALA A 155 -21.19 -4.75 -28.47
C ALA A 155 -20.31 -3.77 -27.73
N THR A 156 -20.62 -3.52 -26.44
CA THR A 156 -19.84 -2.53 -25.71
C THR A 156 -18.53 -3.09 -25.18
N CYS A 157 -18.35 -4.38 -25.18
CA CYS A 157 -17.09 -4.91 -24.84
C CYS A 157 -16.22 -4.59 -26.01
N ALA A 158 -16.63 -4.92 -27.21
CA ALA A 158 -15.84 -4.60 -28.42
C ALA A 158 -15.46 -3.13 -28.45
N LYS A 159 -16.39 -2.25 -28.08
CA LYS A 159 -16.11 -0.82 -28.07
C LYS A 159 -14.93 -0.50 -27.16
N TYR A 160 -14.99 -0.99 -25.93
CA TYR A 160 -13.86 -0.76 -25.03
C TYR A 160 -12.63 -1.50 -25.52
N PHE A 161 -12.83 -2.73 -26.00
CA PHE A 161 -11.69 -3.54 -26.40
C PHE A 161 -10.90 -2.83 -27.50
N GLU A 162 -11.61 -2.24 -28.46
CA GLU A 162 -10.89 -1.54 -29.53
C GLU A 162 -9.98 -0.46 -28.94
N ARG A 163 -10.45 0.26 -27.93
CA ARG A 163 -9.62 1.27 -27.28
C ARG A 163 -8.54 0.63 -26.43
N MET A 164 -8.85 -0.51 -25.81
CA MET A 164 -7.84 -1.23 -25.03
C MET A 164 -6.76 -1.81 -25.92
N ALA A 165 -7.12 -2.28 -27.12
CA ALA A 165 -6.15 -2.98 -27.95
C ALA A 165 -5.02 -2.06 -28.40
N LYS A 166 -5.30 -0.75 -28.53
CA LYS A 166 -4.24 0.22 -28.86
C LYS A 166 -3.08 0.20 -27.89
N MET A 167 -3.27 -0.32 -26.67
CA MET A 167 -2.20 -0.45 -25.70
C MET A 167 -1.86 -1.91 -25.40
N GLY A 168 -2.33 -2.83 -26.23
CA GLY A 168 -2.07 -4.25 -26.02
C GLY A 168 -2.67 -4.85 -24.75
N GLN A 169 -3.61 -4.15 -24.11
CA GLN A 169 -4.12 -4.54 -22.81
C GLN A 169 -5.06 -5.75 -22.93
N TRP A 170 -5.15 -6.49 -21.79
CA TRP A 170 -5.97 -7.69 -21.84
C TRP A 170 -7.37 -7.39 -21.31
N LEU A 171 -8.42 -7.94 -21.85
CA LEU A 171 -9.77 -7.79 -21.45
C LEU A 171 -10.40 -9.08 -21.14
N GLU A 172 -10.95 -9.16 -19.96
CA GLU A 172 -11.69 -10.28 -19.54
C GLU A 172 -13.14 -9.87 -19.57
N MET A 173 -14.07 -10.79 -20.16
CA MET A 173 -15.48 -10.51 -20.39
C MET A 173 -16.31 -11.65 -19.81
N GLU A 174 -17.46 -11.34 -19.29
CA GLU A 174 -18.34 -12.30 -18.71
C GLU A 174 -19.68 -12.28 -19.39
N ILE A 175 -20.13 -13.48 -19.59
CA ILE A 175 -21.36 -13.71 -20.15
C ILE A 175 -22.03 -14.74 -19.33
N GLY A 176 -23.29 -14.52 -19.09
CA GLY A 176 -24.13 -15.43 -18.38
C GLY A 176 -25.19 -16.16 -19.13
N ILE A 177 -26.43 -15.96 -18.73
CA ILE A 177 -27.53 -16.65 -19.33
C ILE A 177 -28.64 -15.75 -19.79
N THR A 178 -28.38 -14.46 -19.76
CA THR A 178 -29.32 -13.51 -20.34
C THR A 178 -29.46 -13.76 -21.84
N GLY A 179 -30.69 -13.86 -22.31
CA GLY A 179 -30.86 -14.10 -23.72
C GLY A 179 -31.14 -12.82 -24.48
N GLY A 180 -32.41 -12.43 -24.49
CA GLY A 180 -32.85 -11.13 -24.92
C GLY A 180 -33.82 -10.53 -23.91
N LEU A 195 -29.78 -23.54 -16.16
CA LEU A 195 -29.30 -22.91 -17.36
C LEU A 195 -27.85 -22.52 -17.29
N TYR A 196 -27.16 -22.77 -18.37
CA TYR A 196 -25.78 -22.46 -18.48
C TYR A 196 -25.54 -21.66 -19.74
N THR A 197 -24.34 -21.18 -19.94
CA THR A 197 -24.02 -20.44 -21.16
C THR A 197 -23.88 -21.41 -22.31
N SER A 198 -24.62 -21.16 -23.38
CA SER A 198 -24.51 -22.03 -24.56
C SER A 198 -23.16 -21.81 -25.24
N PRO A 199 -22.54 -22.88 -25.75
CA PRO A 199 -21.29 -22.71 -26.52
C PRO A 199 -21.42 -21.78 -27.70
N GLU A 200 -22.62 -21.67 -28.27
CA GLU A 200 -22.84 -20.71 -29.33
C GLU A 200 -22.69 -19.28 -28.81
N THR A 201 -23.23 -19.03 -27.65
CA THR A 201 -23.13 -17.73 -27.07
C THR A 201 -21.70 -17.34 -26.82
N VAL A 202 -20.91 -18.27 -26.36
CA VAL A 202 -19.55 -17.97 -26.08
C VAL A 202 -18.73 -17.77 -27.30
N PHE A 203 -19.09 -18.39 -28.41
CA PHE A 203 -18.36 -18.22 -29.62
C PHE A 203 -18.68 -16.93 -30.29
N ALA A 204 -19.82 -16.35 -29.98
CA ALA A 204 -20.19 -15.09 -30.53
C ALA A 204 -19.38 -14.02 -29.94
N VAL A 205 -18.98 -14.17 -28.69
CA VAL A 205 -18.13 -13.26 -28.04
C VAL A 205 -16.79 -13.32 -28.66
N TYR A 206 -16.32 -14.50 -28.99
CA TYR A 206 -15.03 -14.64 -29.63
C TYR A 206 -15.01 -14.03 -31.00
N GLU A 207 -16.09 -14.14 -31.72
CA GLU A 207 -16.15 -13.60 -33.03
C GLU A 207 -15.94 -12.13 -33.13
N SER A 208 -16.46 -11.39 -32.20
CA SER A 208 -16.32 -9.98 -32.27
C SER A 208 -15.05 -9.52 -31.73
N LEU A 209 -14.59 -10.09 -30.65
CA LEU A 209 -13.37 -9.62 -30.04
C LEU A 209 -12.12 -10.06 -30.75
N HIS A 210 -12.07 -11.29 -31.18
CA HIS A 210 -10.91 -11.75 -31.92
C HIS A 210 -10.72 -10.97 -33.21
N LYS A 211 -11.78 -10.32 -33.70
CA LYS A 211 -11.61 -9.41 -34.81
C LYS A 211 -10.77 -8.20 -34.40
N ILE A 212 -10.68 -7.90 -33.11
CA ILE A 212 -9.99 -6.71 -32.63
C ILE A 212 -8.57 -7.03 -32.18
N SER A 213 -8.37 -8.15 -31.49
CA SER A 213 -7.14 -8.50 -30.79
C SER A 213 -7.36 -9.86 -30.12
N PRO A 214 -6.34 -10.71 -30.01
CA PRO A 214 -6.54 -12.00 -29.34
C PRO A 214 -6.39 -11.95 -27.84
N ASN A 215 -6.12 -10.78 -27.28
CA ASN A 215 -5.82 -10.65 -25.85
C ASN A 215 -7.09 -10.53 -25.01
N PHE A 216 -7.92 -11.57 -25.03
CA PHE A 216 -9.15 -11.52 -24.25
C PHE A 216 -9.46 -12.92 -23.72
N SER A 217 -10.10 -12.95 -22.57
CA SER A 217 -10.56 -14.14 -21.89
C SER A 217 -12.01 -14.04 -21.60
N ILE A 218 -12.65 -15.17 -21.37
CA ILE A 218 -14.07 -15.27 -21.14
C ILE A 218 -14.45 -16.03 -19.91
N ALA A 219 -15.32 -15.48 -19.12
CA ALA A 219 -15.82 -16.16 -17.97
C ALA A 219 -17.23 -16.53 -18.23
N ALA A 220 -17.54 -17.80 -18.39
CA ALA A 220 -18.91 -18.19 -18.60
C ALA A 220 -19.68 -18.68 -17.39
N ALA A 221 -20.98 -18.93 -17.55
CA ALA A 221 -21.84 -19.43 -16.47
C ALA A 221 -21.99 -20.95 -16.64
N PHE A 222 -21.40 -21.71 -15.73
CA PHE A 222 -21.43 -23.16 -15.80
C PHE A 222 -21.71 -23.76 -14.43
N GLY A 223 -22.66 -23.17 -13.70
CA GLY A 223 -22.97 -23.63 -12.37
C GLY A 223 -22.16 -22.95 -11.28
N ASN A 224 -21.20 -22.11 -11.66
CA ASN A 224 -20.26 -21.49 -10.73
C ASN A 224 -20.91 -20.25 -10.11
N VAL A 225 -21.80 -20.49 -9.16
CA VAL A 225 -22.68 -19.44 -8.66
C VAL A 225 -21.87 -18.42 -7.88
N HIS A 226 -22.09 -17.14 -8.18
CA HIS A 226 -21.43 -16.00 -7.54
C HIS A 226 -22.19 -14.72 -7.86
N VAL A 234 -28.04 -28.64 -9.56
CA VAL A 234 -28.05 -27.19 -9.72
C VAL A 234 -26.62 -26.66 -9.89
N GLN A 235 -25.63 -27.55 -9.76
CA GLN A 235 -24.26 -27.11 -9.49
C GLN A 235 -23.36 -27.15 -10.72
N LEU A 236 -22.07 -27.44 -10.48
CA LEU A 236 -21.02 -27.03 -11.40
C LEU A 236 -20.80 -28.08 -12.48
N ARG A 237 -20.87 -27.66 -13.74
CA ARG A 237 -20.67 -28.54 -14.88
C ARG A 237 -19.41 -28.08 -15.63
N PRO A 238 -18.23 -28.25 -15.03
CA PRO A 238 -17.01 -27.81 -15.71
C PRO A 238 -16.79 -28.49 -17.06
N GLU A 239 -17.44 -29.63 -17.30
CA GLU A 239 -17.40 -30.26 -18.61
C GLU A 239 -17.99 -29.36 -19.70
N ILE A 240 -18.76 -28.34 -19.32
CA ILE A 240 -19.35 -27.48 -20.36
C ILE A 240 -18.27 -26.64 -21.03
N LEU A 241 -17.25 -26.23 -20.28
CA LEU A 241 -16.20 -25.38 -20.85
C LEU A 241 -15.47 -26.09 -21.98
N GLY A 242 -15.31 -27.42 -21.88
CA GLY A 242 -14.82 -28.17 -23.02
C GLY A 242 -15.73 -28.04 -24.23
N ASP A 243 -17.04 -27.98 -23.99
CA ASP A 243 -17.98 -27.87 -25.10
C ASP A 243 -17.82 -26.53 -25.82
N HIS A 244 -17.61 -25.45 -25.06
CA HIS A 244 -17.25 -24.18 -25.68
C HIS A 244 -16.01 -24.34 -26.56
N GLN A 245 -14.95 -24.92 -25.99
CA GLN A 245 -13.69 -25.05 -26.70
C GLN A 245 -13.86 -25.86 -27.98
N VAL A 246 -14.57 -26.95 -27.88
CA VAL A 246 -14.83 -27.82 -29.00
C VAL A 246 -15.70 -27.19 -30.04
N TYR A 247 -16.71 -26.45 -29.63
CA TYR A 247 -17.56 -25.78 -30.57
C TYR A 247 -16.74 -24.83 -31.35
N ALA A 248 -15.93 -24.05 -30.68
CA ALA A 248 -15.06 -23.10 -31.31
C ALA A 248 -14.05 -23.69 -32.24
N LYS A 249 -13.56 -24.86 -31.92
CA LYS A 249 -12.61 -25.55 -32.75
C LYS A 249 -13.20 -25.74 -34.08
N LYS A 250 -14.35 -26.38 -34.10
CA LYS A 250 -15.03 -26.65 -35.33
C LYS A 250 -15.31 -25.44 -36.12
N GLN A 251 -15.80 -24.39 -35.50
CA GLN A 251 -16.11 -23.22 -36.22
C GLN A 251 -14.95 -22.56 -36.81
N ILE A 252 -13.87 -22.53 -36.09
CA ILE A 252 -12.74 -21.86 -36.58
C ILE A 252 -11.99 -22.70 -37.56
N GLY A 253 -12.05 -23.99 -37.40
CA GLY A 253 -11.30 -24.82 -38.28
C GLY A 253 -9.87 -24.77 -37.84
N THR A 254 -9.60 -25.20 -36.65
CA THR A 254 -8.24 -25.16 -36.12
C THR A 254 -7.95 -26.46 -35.41
N ASP A 255 -6.66 -26.79 -35.31
CA ASP A 255 -6.21 -27.94 -34.54
C ASP A 255 -6.17 -27.67 -33.04
N ALA A 256 -6.03 -26.41 -32.64
CA ALA A 256 -5.76 -26.05 -31.24
C ALA A 256 -6.80 -26.64 -30.30
N LYS A 257 -6.33 -27.33 -29.26
CA LYS A 257 -7.25 -27.90 -28.27
C LYS A 257 -8.04 -26.80 -27.56
N HIS A 258 -7.45 -25.63 -27.40
CA HIS A 258 -7.99 -24.55 -26.57
C HIS A 258 -8.06 -23.25 -27.37
N PRO A 259 -9.00 -23.14 -28.30
CA PRO A 259 -9.13 -21.88 -29.05
C PRO A 259 -9.50 -20.69 -28.19
N LEU A 260 -10.11 -20.89 -27.03
CA LEU A 260 -10.49 -19.82 -26.12
C LEU A 260 -9.61 -19.84 -24.88
N TYR A 261 -9.48 -18.66 -24.25
CA TYR A 261 -8.94 -18.51 -22.89
C TYR A 261 -10.11 -18.38 -21.92
N LEU A 262 -10.13 -19.21 -20.88
CA LEU A 262 -11.30 -19.29 -20.01
C LEU A 262 -10.93 -19.02 -18.56
N VAL A 263 -11.84 -18.39 -17.83
CA VAL A 263 -11.69 -18.03 -16.44
C VAL A 263 -12.73 -18.70 -15.59
N PHE A 264 -12.41 -19.00 -14.34
CA PHE A 264 -13.24 -19.74 -13.39
C PHE A 264 -13.62 -18.77 -12.27
N HIS A 265 -14.88 -18.39 -12.19
CA HIS A 265 -15.37 -17.49 -11.15
C HIS A 265 -16.08 -18.29 -10.13
N GLY A 266 -16.04 -17.89 -8.88
CA GLY A 266 -16.68 -18.64 -7.84
C GLY A 266 -15.94 -19.90 -7.50
N GLY A 267 -14.64 -19.77 -7.33
CA GLY A 267 -13.79 -20.88 -7.02
C GLY A 267 -13.37 -20.93 -5.59
N SER A 268 -13.98 -21.83 -4.84
CA SER A 268 -13.79 -22.11 -3.41
C SER A 268 -14.86 -23.11 -3.14
N GLY A 269 -14.48 -24.34 -2.86
CA GLY A 269 -15.47 -25.34 -2.56
C GLY A 269 -15.57 -26.42 -3.62
N SER A 270 -14.91 -26.21 -4.73
CA SER A 270 -14.95 -27.17 -5.79
C SER A 270 -13.87 -28.17 -5.53
N THR A 271 -14.08 -29.40 -5.92
CA THR A 271 -13.10 -30.44 -5.63
C THR A 271 -11.89 -30.33 -6.55
N GLN A 272 -10.84 -31.06 -6.17
CA GLN A 272 -9.65 -31.13 -7.01
C GLN A 272 -9.99 -31.65 -8.40
N GLU A 273 -10.98 -32.54 -8.51
CA GLU A 273 -11.34 -33.09 -9.81
C GLU A 273 -12.01 -32.03 -10.68
N GLU A 274 -12.83 -31.17 -10.07
CA GLU A 274 -13.50 -30.12 -10.84
C GLU A 274 -12.50 -29.12 -11.40
N PHE A 275 -11.57 -28.68 -10.60
CA PHE A 275 -10.52 -27.80 -11.04
C PHE A 275 -9.68 -28.48 -12.09
N ASN A 276 -9.65 -29.78 -12.09
CA ASN A 276 -8.82 -30.49 -13.05
C ASN A 276 -9.43 -30.46 -14.45
N THR A 277 -10.72 -30.80 -14.57
CA THR A 277 -11.31 -30.76 -15.90
C THR A 277 -11.42 -29.32 -16.39
N ALA A 278 -11.69 -28.37 -15.47
CA ALA A 278 -11.69 -26.96 -15.85
C ALA A 278 -10.36 -26.57 -16.49
N ILE A 279 -9.25 -26.93 -15.84
CA ILE A 279 -7.93 -26.66 -16.40
C ILE A 279 -7.70 -27.50 -17.65
N LYS A 280 -8.24 -28.71 -17.65
CA LYS A 280 -8.21 -29.54 -18.85
C LYS A 280 -8.93 -28.85 -20.01
N ASN A 281 -9.92 -28.01 -19.70
CA ASN A 281 -10.74 -27.38 -20.72
C ASN A 281 -10.27 -25.98 -21.09
N GLY A 282 -9.07 -25.59 -20.69
CA GLY A 282 -8.48 -24.33 -21.11
C GLY A 282 -8.52 -23.20 -20.10
N VAL A 283 -9.11 -23.42 -18.92
CA VAL A 283 -9.09 -22.40 -17.89
C VAL A 283 -7.65 -22.07 -17.54
N VAL A 284 -7.32 -20.77 -17.57
CA VAL A 284 -6.01 -20.31 -17.15
C VAL A 284 -6.03 -19.57 -15.82
N LYS A 285 -7.18 -19.07 -15.40
CA LYS A 285 -7.28 -18.26 -14.22
C LYS A 285 -8.43 -18.60 -13.34
N VAL A 286 -8.21 -18.78 -12.06
CA VAL A 286 -9.26 -19.06 -11.09
C VAL A 286 -9.22 -17.99 -10.01
N ASN A 287 -10.37 -17.34 -9.79
CA ASN A 287 -10.46 -16.27 -8.81
C ASN A 287 -10.66 -16.85 -7.41
N LEU A 288 -10.11 -16.17 -6.40
CA LEU A 288 -10.17 -16.66 -5.03
C LEU A 288 -10.90 -15.72 -4.08
N ASP A 289 -10.35 -14.55 -3.78
CA ASP A 289 -10.98 -13.60 -2.85
C ASP A 289 -11.41 -14.16 -1.47
N THR A 290 -12.70 -14.47 -1.31
CA THR A 290 -13.23 -14.69 0.03
C THR A 290 -12.63 -15.92 0.74
N ASP A 291 -11.93 -16.76 0.05
CA ASP A 291 -11.27 -17.81 0.72
C ASP A 291 -10.13 -17.12 1.38
N CYS A 292 -9.28 -16.43 0.62
CA CYS A 292 -8.15 -15.69 1.17
C CYS A 292 -8.61 -14.72 2.26
N GLN A 293 -9.74 -14.05 2.04
CA GLN A 293 -10.26 -13.12 3.03
C GLN A 293 -10.31 -13.78 4.39
N TYR A 294 -10.91 -14.94 4.44
CA TYR A 294 -11.01 -15.64 5.68
C TYR A 294 -9.65 -16.06 6.15
N ALA A 295 -8.81 -16.54 5.25
CA ALA A 295 -7.50 -16.95 5.62
C ALA A 295 -6.76 -15.84 6.28
N TYR A 296 -6.73 -14.72 5.63
CA TYR A 296 -6.05 -13.54 6.14
C TYR A 296 -6.56 -13.16 7.53
N LEU A 297 -7.77 -13.50 7.84
CA LEU A 297 -8.25 -13.14 9.12
C LEU A 297 -7.77 -14.05 10.21
N THR A 298 -7.68 -15.35 9.96
CA THR A 298 -7.27 -16.35 10.93
C THR A 298 -6.06 -16.03 11.71
N GLY A 299 -5.02 -15.65 11.03
CA GLY A 299 -3.81 -15.30 11.72
C GLY A 299 -3.95 -14.16 12.67
N ILE A 300 -4.72 -13.16 12.31
CA ILE A 300 -4.92 -12.05 13.16
C ILE A 300 -5.96 -12.43 14.16
N ARG A 301 -6.88 -13.30 13.82
CA ARG A 301 -7.88 -13.70 14.80
C ARG A 301 -7.19 -14.47 15.87
N ASP A 302 -6.34 -15.35 15.44
CA ASP A 302 -5.58 -16.13 16.35
C ASP A 302 -4.45 -15.22 16.70
N TYR A 303 -4.72 -14.42 17.71
CA TYR A 303 -3.87 -13.45 18.35
C TYR A 303 -4.82 -12.99 19.42
N VAL A 304 -5.86 -13.76 19.54
CA VAL A 304 -6.87 -13.64 20.58
C VAL A 304 -6.53 -14.61 21.70
N THR A 305 -5.30 -15.05 21.73
CA THR A 305 -4.79 -15.89 22.71
C THR A 305 -4.03 -14.92 23.58
N ASN A 306 -3.69 -13.76 23.01
CA ASN A 306 -2.94 -12.75 23.71
C ASN A 306 -3.70 -11.59 24.20
N LYS A 307 -5.00 -11.64 24.25
CA LYS A 307 -5.75 -10.48 24.70
C LYS A 307 -5.38 -10.04 26.09
N ILE A 308 -4.66 -10.87 26.80
CA ILE A 308 -4.18 -10.57 28.10
C ILE A 308 -2.92 -9.75 27.97
N GLU A 309 -2.24 -9.81 26.84
CA GLU A 309 -1.07 -9.00 26.62
C GLU A 309 -1.37 -7.92 25.61
N TYR A 310 -2.62 -7.75 25.28
CA TYR A 310 -2.99 -6.79 24.30
C TYR A 310 -3.83 -5.68 24.83
N LEU A 311 -3.37 -5.11 25.93
CA LEU A 311 -3.84 -3.87 26.57
C LEU A 311 -2.63 -2.89 26.70
N LYS A 312 -2.73 -1.65 27.16
CA LYS A 312 -1.54 -0.77 27.09
C LYS A 312 -0.23 -1.18 27.79
N ALA A 313 -0.30 -1.51 29.08
CA ALA A 313 0.84 -1.94 29.90
C ALA A 313 0.55 -3.19 30.73
N PRO A 314 -0.71 -3.45 31.08
CA PRO A 314 -1.10 -4.66 31.80
C PRO A 314 -0.73 -5.97 31.13
N VAL A 315 0.22 -6.73 31.67
CA VAL A 315 0.60 -8.02 31.12
C VAL A 315 0.40 -9.11 32.16
N GLY A 316 -0.07 -10.25 31.68
CA GLY A 316 -0.35 -11.38 32.53
C GLY A 316 0.92 -12.00 33.03
N ASN A 317 1.92 -11.91 32.17
CA ASN A 317 3.21 -12.49 32.34
C ASN A 317 4.03 -11.89 33.43
N PRO A 318 5.05 -11.16 33.08
CA PRO A 318 5.87 -10.52 34.08
C PRO A 318 5.33 -9.18 34.41
N GLU A 319 5.95 -8.53 35.36
CA GLU A 319 5.60 -7.20 35.89
C GLU A 319 4.17 -6.72 35.73
N GLY A 320 3.23 -7.50 36.23
CA GLY A 320 1.81 -7.20 36.26
C GLY A 320 1.13 -6.02 35.62
N ALA A 321 1.77 -4.87 35.68
CA ALA A 321 1.20 -3.73 35.04
C ALA A 321 2.28 -2.80 34.73
N ASP A 322 3.49 -3.21 34.96
CA ASP A 322 4.59 -2.35 34.68
C ASP A 322 5.35 -2.77 33.46
N LYS A 323 4.89 -3.81 32.79
CA LYS A 323 5.60 -4.28 31.62
C LYS A 323 5.13 -3.52 30.40
N PRO A 324 5.96 -3.36 29.40
CA PRO A 324 5.53 -2.63 28.24
C PRO A 324 5.09 -3.55 27.12
N ASN A 325 3.89 -3.35 26.68
CA ASN A 325 3.35 -4.19 25.66
C ASN A 325 3.64 -3.86 24.22
N LYS A 326 4.69 -3.10 23.95
CA LYS A 326 5.02 -2.70 22.62
C LYS A 326 5.24 -3.88 21.76
N LYS A 327 6.07 -4.78 22.18
CA LYS A 327 6.34 -5.94 21.38
C LYS A 327 5.13 -6.81 21.04
N TYR A 328 3.98 -6.63 21.66
CA TYR A 328 2.84 -7.43 21.36
C TYR A 328 1.80 -6.69 20.60
N PHE A 329 1.88 -5.38 20.52
CA PHE A 329 0.86 -4.64 19.80
C PHE A 329 1.34 -4.02 18.54
N ASP A 330 2.60 -4.19 18.23
CA ASP A 330 3.11 -3.66 16.98
C ASP A 330 2.37 -4.31 15.81
N PRO A 331 1.66 -3.54 14.97
CA PRO A 331 0.99 -4.16 13.83
C PRO A 331 1.93 -4.95 12.95
N ARG A 332 3.20 -4.55 12.87
CA ARG A 332 4.23 -5.33 12.20
C ARG A 332 4.33 -6.74 12.74
N VAL A 333 3.83 -6.99 13.95
CA VAL A 333 3.86 -8.31 14.54
C VAL A 333 2.59 -9.10 14.20
N TRP A 334 1.42 -8.52 14.48
CA TRP A 334 0.19 -9.27 14.32
C TRP A 334 -0.39 -9.21 12.91
N VAL A 335 -0.22 -8.12 12.17
CA VAL A 335 -0.63 -8.14 10.78
C VAL A 335 0.14 -9.21 10.03
N ARG A 336 1.44 -9.32 10.32
CA ARG A 336 2.24 -10.35 9.67
C ARG A 336 1.64 -11.74 9.85
N GLU A 337 0.98 -11.98 11.00
CA GLU A 337 0.28 -13.24 11.18
C GLU A 337 -0.76 -13.45 10.08
N GLY A 338 -1.57 -12.41 9.82
CA GLY A 338 -2.51 -12.48 8.71
C GLY A 338 -1.84 -12.72 7.37
N GLU A 339 -0.73 -12.04 7.11
CA GLU A 339 -0.02 -12.28 5.84
C GLU A 339 0.38 -13.75 5.72
N LYS A 340 0.93 -14.32 6.79
CA LYS A 340 1.43 -15.68 6.71
C LYS A 340 0.29 -16.68 6.53
N THR A 341 -0.84 -16.42 7.13
CA THR A 341 -1.94 -17.28 7.02
C THR A 341 -2.63 -17.14 5.71
N MET A 342 -2.55 -16.00 5.07
CA MET A 342 -3.19 -15.83 3.80
C MET A 342 -2.36 -16.50 2.77
N SER A 343 -1.07 -16.37 2.92
CA SER A 343 -0.14 -16.92 1.99
C SER A 343 -0.21 -18.40 1.86
N LYS A 344 -0.41 -19.09 2.95
CA LYS A 344 -0.50 -20.52 2.94
C LYS A 344 -1.75 -20.96 2.26
N ARG A 345 -2.83 -20.22 2.40
CA ARG A 345 -4.04 -20.56 1.71
C ARG A 345 -3.76 -20.43 0.24
N ILE A 346 -3.12 -19.35 -0.17
CA ILE A 346 -2.78 -19.19 -1.54
C ILE A 346 -1.89 -20.27 -2.09
N ALA A 347 -0.96 -20.77 -1.29
CA ALA A 347 -0.06 -21.85 -1.65
C ALA A 347 -0.78 -23.13 -1.87
N GLU A 348 -1.85 -23.35 -1.14
CA GLU A 348 -2.61 -24.51 -1.33
C GLU A 348 -3.13 -24.48 -2.74
N ALA A 349 -3.76 -23.40 -3.10
CA ALA A 349 -4.25 -23.19 -4.41
C ALA A 349 -3.19 -23.34 -5.44
N LEU A 350 -2.04 -22.74 -5.25
CA LEU A 350 -1.00 -22.86 -6.21
C LEU A 350 -0.57 -24.24 -6.49
N ASP A 351 -0.95 -25.15 -5.65
CA ASP A 351 -0.55 -26.50 -5.86
C ASP A 351 -1.68 -27.20 -6.46
N ILE A 352 -2.83 -26.99 -5.90
CA ILE A 352 -4.03 -27.58 -6.46
C ILE A 352 -4.19 -27.22 -7.93
N PHE A 353 -3.87 -25.97 -8.29
CA PHE A 353 -3.94 -25.53 -9.69
C PHE A 353 -2.73 -25.93 -10.50
N HIS A 354 -1.85 -26.71 -9.95
CA HIS A 354 -0.62 -27.13 -10.58
C HIS A 354 0.25 -26.00 -11.05
N THR A 355 0.21 -24.88 -10.37
CA THR A 355 1.01 -23.78 -10.80
C THR A 355 2.31 -23.65 -10.08
N LYS A 356 2.36 -24.22 -8.91
CA LYS A 356 3.53 -24.26 -8.09
C LYS A 356 4.71 -24.79 -8.83
N GLY A 357 5.77 -24.06 -8.91
CA GLY A 357 6.95 -24.55 -9.56
C GLY A 357 7.08 -24.41 -11.03
N GLN A 358 6.25 -23.58 -11.62
CA GLN A 358 6.27 -23.41 -13.04
C GLN A 358 7.18 -22.38 -13.62
N LEU A 359 8.02 -21.77 -12.83
CA LEU A 359 8.87 -20.75 -13.35
C LEU A 359 10.21 -21.32 -13.65
N PRO B 3 0.05 33.53 4.63
CA PRO B 3 -0.80 32.59 3.90
C PRO B 3 -0.11 31.98 2.68
N PRO B 4 0.85 31.09 2.90
CA PRO B 4 1.65 30.54 1.78
C PRO B 4 0.85 29.54 0.95
N ALA B 5 1.35 29.31 -0.27
CA ALA B 5 0.59 28.52 -1.23
C ALA B 5 0.35 27.10 -0.74
N VAL B 6 1.21 26.58 0.14
CA VAL B 6 1.11 25.18 0.57
C VAL B 6 -0.19 24.93 1.29
N LEU B 7 -0.72 25.92 2.00
CA LEU B 7 -1.91 25.68 2.80
C LEU B 7 -3.13 25.31 1.96
N SER B 8 -3.02 25.38 0.63
CA SER B 8 -4.14 25.05 -0.25
C SER B 8 -3.78 23.96 -1.26
N LYS B 9 -2.72 23.20 -1.01
CA LYS B 9 -2.30 22.18 -1.93
C LYS B 9 -2.78 20.80 -1.48
N SER B 10 -2.79 19.85 -2.43
CA SER B 10 -3.09 18.45 -2.14
C SER B 10 -1.93 17.60 -2.64
N GLY B 11 -1.53 16.63 -1.84
CA GLY B 11 -0.50 15.67 -2.23
C GLY B 11 0.82 15.94 -1.54
N VAL B 12 1.77 15.04 -1.80
CA VAL B 12 3.12 15.19 -1.28
C VAL B 12 3.74 16.49 -1.81
N ILE B 13 4.11 17.37 -0.88
CA ILE B 13 4.78 18.62 -1.23
C ILE B 13 6.30 18.41 -1.24
N TYR B 14 7.00 19.27 -1.97
CA TYR B 14 8.45 19.19 -2.14
C TYR B 14 9.08 20.57 -2.14
N GLY B 15 10.40 20.59 -1.93
CA GLY B 15 11.16 21.81 -2.14
C GLY B 15 10.76 22.93 -1.21
N LYS B 16 10.38 24.08 -1.78
CA LYS B 16 10.16 25.28 -0.97
C LYS B 16 8.88 25.17 -0.16
N ASP B 17 7.85 24.52 -0.73
CA ASP B 17 6.61 24.28 0.01
C ASP B 17 6.90 23.70 1.39
N VAL B 18 7.87 22.79 1.49
CA VAL B 18 8.20 22.21 2.80
C VAL B 18 8.70 23.31 3.73
N LYS B 19 9.76 24.01 3.33
CA LYS B 19 10.20 25.18 4.09
C LYS B 19 9.06 26.18 4.32
N ASP B 20 8.22 26.41 3.30
CA ASP B 20 7.06 27.28 3.47
C ASP B 20 6.13 26.79 4.57
N LEU B 21 5.90 25.48 4.62
CA LEU B 21 5.03 24.94 5.66
C LEU B 21 5.64 25.13 7.05
N PHE B 22 6.94 24.89 7.16
CA PHE B 22 7.58 24.98 8.46
C PHE B 22 7.60 26.40 8.98
N ASP B 23 7.86 27.38 8.12
CA ASP B 23 7.88 28.77 8.59
C ASP B 23 6.51 29.20 9.10
N TYR B 24 5.45 28.84 8.38
CA TYR B 24 4.11 29.08 8.90
C TYR B 24 3.88 28.35 10.21
N ALA B 25 4.36 27.11 10.34
CA ALA B 25 4.25 26.40 11.62
C ALA B 25 4.94 27.17 12.73
N GLN B 26 6.10 27.77 12.44
CA GLN B 26 6.79 28.55 13.45
C GLN B 26 6.09 29.88 13.68
N GLU B 27 5.55 30.49 12.62
CA GLU B 27 4.96 31.80 12.81
C GLU B 27 3.61 31.70 13.51
N LYS B 28 2.81 30.70 13.17
CA LYS B 28 1.55 30.50 13.86
C LYS B 28 1.69 29.66 15.12
N GLY B 29 2.88 29.16 15.41
CA GLY B 29 3.11 28.46 16.68
C GLY B 29 2.37 27.16 16.85
N PHE B 30 2.33 26.32 15.81
CA PHE B 30 1.89 24.95 15.93
C PHE B 30 3.00 24.01 15.49
N ALA B 31 2.85 22.74 15.82
CA ALA B 31 3.74 21.72 15.29
C ALA B 31 2.90 20.70 14.52
N ILE B 32 3.58 19.83 13.79
CA ILE B 32 2.96 18.93 12.83
C ILE B 32 3.31 17.50 13.20
N PRO B 33 2.34 16.63 13.47
CA PRO B 33 2.69 15.24 13.84
C PRO B 33 3.22 14.48 12.64
N ALA B 34 4.32 13.77 12.84
CA ALA B 34 4.88 12.83 11.86
C ALA B 34 4.52 11.42 12.33
N ILE B 35 3.71 10.72 11.54
CA ILE B 35 3.17 9.42 11.91
C ILE B 35 3.96 8.36 11.16
N ASN B 36 4.44 7.34 11.85
CA ASN B 36 5.15 6.27 11.20
C ASN B 36 4.12 5.37 10.63
N VAL B 37 4.34 4.87 9.43
CA VAL B 37 3.34 4.13 8.68
C VAL B 37 3.98 2.85 8.17
N THR B 38 3.15 1.84 7.99
CA THR B 38 3.65 0.52 7.64
C THR B 38 2.80 -0.14 6.58
N SER B 39 1.64 0.42 6.24
CA SER B 39 0.76 -0.15 5.24
C SER B 39 -0.06 0.95 4.59
N SER B 40 -0.65 0.61 3.45
CA SER B 40 -1.72 1.43 2.89
C SER B 40 -2.79 1.73 3.94
N SER B 41 -3.23 0.68 4.64
CA SER B 41 -4.15 0.87 5.74
C SER B 41 -3.67 1.91 6.74
N THR B 42 -2.38 1.88 7.07
CA THR B 42 -1.97 2.87 8.04
C THR B 42 -1.79 4.26 7.42
N VAL B 43 -1.41 4.39 6.13
CA VAL B 43 -1.31 5.76 5.63
C VAL B 43 -2.70 6.33 5.42
N VAL B 44 -3.69 5.48 5.12
CA VAL B 44 -5.06 5.96 5.01
C VAL B 44 -5.51 6.53 6.33
N ALA B 45 -5.23 5.84 7.43
CA ALA B 45 -5.67 6.32 8.74
C ALA B 45 -5.12 7.71 9.01
N ALA B 46 -3.86 7.95 8.63
CA ALA B 46 -3.25 9.24 8.90
C ALA B 46 -3.79 10.34 7.98
N LEU B 47 -3.86 10.07 6.67
CA LEU B 47 -4.37 11.08 5.75
C LEU B 47 -5.80 11.46 6.10
N GLU B 48 -6.62 10.48 6.47
CA GLU B 48 -8.02 10.74 6.81
C GLU B 48 -8.14 11.62 8.06
N ALA B 49 -7.29 11.39 9.05
CA ALA B 49 -7.30 12.27 10.22
C ALA B 49 -6.88 13.69 9.83
N ALA B 50 -5.89 13.81 8.96
CA ALA B 50 -5.43 15.15 8.57
C ALA B 50 -6.52 15.89 7.80
N ARG B 51 -7.13 15.23 6.83
CA ARG B 51 -8.19 15.86 6.04
C ARG B 51 -9.38 16.25 6.89
N ASP B 52 -9.76 15.41 7.84
CA ASP B 52 -10.96 15.67 8.61
C ASP B 52 -10.76 16.83 9.58
N ASN B 53 -9.55 16.97 10.14
CA ASN B 53 -9.21 18.06 11.05
C ASN B 53 -8.49 19.19 10.32
N LYS B 54 -8.67 19.28 9.00
CA LYS B 54 -8.17 20.37 8.14
C LYS B 54 -6.74 20.76 8.48
N ALA B 55 -5.86 19.75 8.48
CA ALA B 55 -4.49 19.95 8.95
C ALA B 55 -3.46 19.36 7.99
N PRO B 56 -2.32 20.02 7.86
CA PRO B 56 -1.17 19.38 7.19
C PRO B 56 -0.68 18.22 8.02
N ILE B 57 0.14 17.37 7.40
CA ILE B 57 0.58 16.15 8.06
C ILE B 57 1.88 15.68 7.42
N ILE B 58 2.69 14.99 8.22
CA ILE B 58 3.92 14.37 7.77
C ILE B 58 3.76 12.86 7.94
N LEU B 59 4.01 12.11 6.88
CA LEU B 59 4.04 10.66 6.93
C LEU B 59 5.49 10.26 6.76
N GLN B 60 5.97 9.38 7.63
CA GLN B 60 7.34 8.92 7.51
C GLN B 60 7.41 7.40 7.57
N THR B 61 8.57 6.90 7.18
CA THR B 61 8.86 5.48 7.15
C THR B 61 10.17 5.20 7.89
N SER B 62 10.08 4.46 8.99
CA SER B 62 11.30 4.00 9.62
C SER B 62 11.90 2.84 8.84
N GLN B 63 13.16 2.53 9.14
CA GLN B 63 13.88 1.48 8.42
C GLN B 63 13.06 0.20 8.40
N GLY B 64 12.57 -0.22 9.57
CA GLY B 64 11.72 -1.38 9.64
C GLY B 64 10.31 -1.16 9.11
N GLY B 65 9.84 0.07 9.11
CA GLY B 65 8.59 0.35 8.43
C GLY B 65 8.70 0.14 6.93
N ALA B 66 9.76 0.67 6.33
CA ALA B 66 9.96 0.45 4.89
C ALA B 66 10.02 -1.03 4.58
N ALA B 67 10.82 -1.76 5.35
CA ALA B 67 10.97 -3.19 5.10
C ALA B 67 9.64 -3.88 5.18
N TYR B 68 8.78 -3.43 6.10
CA TYR B 68 7.46 -4.03 6.20
C TYR B 68 6.64 -3.79 4.94
N PHE B 69 6.67 -2.55 4.43
CA PHE B 69 5.98 -2.24 3.18
C PHE B 69 6.41 -3.18 2.07
N ALA B 70 7.71 -3.50 2.04
CA ALA B 70 8.23 -4.46 1.09
C ALA B 70 7.77 -5.87 1.42
N GLY B 71 7.46 -6.15 2.69
CA GLY B 71 7.08 -7.51 3.06
C GLY B 71 8.13 -8.19 3.92
N LYS B 72 7.71 -8.67 5.09
CA LYS B 72 8.67 -9.23 6.04
C LYS B 72 9.39 -10.45 5.47
N GLY B 73 8.82 -11.13 4.49
CA GLY B 73 9.52 -12.25 3.90
C GLY B 73 10.61 -11.89 2.92
N VAL B 74 11.07 -10.64 2.89
CA VAL B 74 12.06 -10.18 1.94
C VAL B 74 13.35 -9.90 2.70
N ASP B 75 14.48 -10.38 2.16
CA ASP B 75 15.74 -10.34 2.89
C ASP B 75 16.29 -8.91 2.88
N ASN B 76 16.54 -8.38 4.07
CA ASN B 76 16.93 -6.99 4.21
C ASN B 76 18.41 -6.83 4.55
N LYS B 77 19.19 -7.92 4.51
CA LYS B 77 20.53 -7.88 5.07
C LYS B 77 21.44 -6.87 4.37
N ASP B 78 21.17 -6.57 3.09
CA ASP B 78 21.84 -5.46 2.42
C ASP B 78 20.95 -4.23 2.31
N GLN B 79 20.08 -4.02 3.30
CA GLN B 79 19.06 -2.96 3.25
C GLN B 79 18.18 -3.08 2.00
N ALA B 80 18.00 -4.31 1.49
CA ALA B 80 17.31 -4.47 0.21
C ALA B 80 15.79 -4.31 0.35
N ALA B 81 15.24 -4.64 1.51
CA ALA B 81 13.79 -4.54 1.67
C ALA B 81 13.39 -3.13 2.05
N SER B 82 14.18 -2.47 2.90
CA SER B 82 13.86 -1.11 3.29
C SER B 82 13.92 -0.17 2.10
N ILE B 83 14.79 -0.48 1.13
CA ILE B 83 14.91 0.38 -0.03
C ILE B 83 13.71 0.22 -0.95
N ALA B 84 13.40 -1.02 -1.33
CA ALA B 84 12.24 -1.27 -2.16
C ALA B 84 10.97 -0.82 -1.45
N GLY B 85 10.83 -1.19 -0.18
CA GLY B 85 9.61 -0.88 0.55
C GLY B 85 9.38 0.61 0.71
N SER B 86 10.45 1.36 0.99
CA SER B 86 10.30 2.80 1.07
C SER B 86 9.92 3.37 -0.30
N ILE B 87 10.46 2.83 -1.39
CA ILE B 87 10.11 3.37 -2.70
C ILE B 87 8.66 3.04 -3.06
N ALA B 88 8.24 1.80 -2.80
CA ALA B 88 6.87 1.42 -3.10
C ALA B 88 5.87 2.20 -2.23
N ALA B 89 6.22 2.47 -0.97
CA ALA B 89 5.35 3.30 -0.15
C ALA B 89 5.33 4.72 -0.66
N ALA B 90 6.46 5.20 -1.21
CA ALA B 90 6.51 6.55 -1.76
C ALA B 90 5.56 6.72 -2.94
N HIS B 91 5.56 5.77 -3.87
CA HIS B 91 4.64 5.88 -4.99
C HIS B 91 3.18 5.82 -4.55
N TYR B 92 2.86 4.91 -3.63
CA TYR B 92 1.46 4.80 -3.20
C TYR B 92 1.01 6.07 -2.49
N ILE B 93 1.82 6.57 -1.56
CA ILE B 93 1.46 7.80 -0.87
C ILE B 93 1.31 8.94 -1.87
N ARG B 94 2.27 9.08 -2.79
CA ARG B 94 2.19 10.14 -3.79
C ARG B 94 0.94 9.99 -4.63
N ALA B 95 0.56 8.74 -4.94
CA ALA B 95 -0.59 8.48 -5.80
C ALA B 95 -1.90 8.78 -5.09
N ILE B 96 -1.97 8.57 -3.77
CA ILE B 96 -3.22 8.67 -3.04
C ILE B 96 -3.38 9.99 -2.30
N ALA B 97 -2.28 10.67 -1.97
CA ALA B 97 -2.35 11.90 -1.19
C ALA B 97 -3.26 12.97 -1.80
N PRO B 98 -3.18 13.30 -3.10
CA PRO B 98 -4.08 14.34 -3.63
C PRO B 98 -5.55 14.11 -3.32
N THR B 99 -5.98 12.85 -3.31
CA THR B 99 -7.38 12.52 -3.06
C THR B 99 -7.84 13.09 -1.72
N TYR B 100 -6.96 13.19 -0.73
CA TYR B 100 -7.37 13.68 0.58
C TYR B 100 -7.30 15.19 0.71
N GLY B 101 -6.79 15.88 -0.31
CA GLY B 101 -6.81 17.34 -0.37
C GLY B 101 -6.04 17.98 0.76
N ILE B 102 -4.78 17.61 0.89
CA ILE B 102 -4.02 17.91 2.09
C ILE B 102 -2.57 18.03 1.63
N PRO B 103 -1.78 18.96 2.15
CA PRO B 103 -0.34 18.94 1.85
C PRO B 103 0.32 17.92 2.76
N VAL B 104 1.16 17.07 2.18
CA VAL B 104 1.79 15.98 2.90
C VAL B 104 3.29 16.07 2.71
N VAL B 105 4.04 15.85 3.79
CA VAL B 105 5.49 15.72 3.72
C VAL B 105 5.82 14.23 3.83
N LEU B 106 6.51 13.72 2.83
CA LEU B 106 6.84 12.30 2.80
C LEU B 106 8.28 12.17 3.24
N HIS B 107 8.47 11.62 4.44
CA HIS B 107 9.73 11.70 5.18
C HIS B 107 10.22 10.28 5.47
N THR B 108 11.49 10.15 5.84
CA THR B 108 12.02 8.87 6.30
C THR B 108 12.71 9.07 7.63
N ASP B 109 12.48 8.12 8.53
CA ASP B 109 12.86 8.20 9.93
C ASP B 109 14.30 7.73 10.11
N HIS B 110 14.86 7.81 11.31
CA HIS B 110 16.16 7.42 11.78
C HIS B 110 16.99 6.49 10.93
N CYS B 111 18.02 7.05 10.35
CA CYS B 111 19.03 6.30 9.61
C CYS B 111 20.40 6.47 10.27
N ALA B 112 20.91 5.42 10.88
CA ALA B 112 22.22 5.48 11.51
C ALA B 112 23.30 5.09 10.51
N LYS B 113 24.56 5.12 10.96
CA LYS B 113 25.69 4.86 10.07
C LYS B 113 25.60 3.45 9.49
N LYS B 114 25.25 2.48 10.33
CA LYS B 114 25.12 1.10 9.88
C LYS B 114 24.06 0.94 8.79
N LEU B 115 23.10 1.85 8.69
CA LEU B 115 21.97 1.72 7.77
C LEU B 115 22.08 2.58 6.52
N LEU B 116 23.23 3.18 6.27
CA LEU B 116 23.33 4.13 5.16
C LEU B 116 23.22 3.51 3.76
N PRO B 117 23.38 2.19 3.59
CA PRO B 117 22.94 1.57 2.33
C PRO B 117 21.51 1.93 1.98
N TRP B 118 20.66 1.90 2.98
CA TRP B 118 19.28 2.25 2.83
C TRP B 118 19.20 3.66 2.39
N PHE B 119 20.00 4.50 2.96
CA PHE B 119 20.00 5.90 2.61
C PHE B 119 20.46 6.12 1.17
N ASP B 120 21.48 5.38 0.74
CA ASP B 120 21.93 5.51 -0.64
C ASP B 120 20.90 4.93 -1.61
N GLY B 121 20.28 3.81 -1.24
CA GLY B 121 19.25 3.24 -2.09
C GLY B 121 18.10 4.19 -2.29
N MET B 122 17.64 4.83 -1.21
CA MET B 122 16.57 5.81 -1.35
C MET B 122 17.05 7.03 -2.12
N LEU B 123 18.31 7.45 -1.92
CA LEU B 123 18.74 8.67 -2.57
C LEU B 123 19.02 8.47 -4.06
N LYS B 124 19.48 7.28 -4.48
CA LYS B 124 19.64 7.04 -5.92
C LYS B 124 18.29 7.15 -6.62
N ALA B 125 17.27 6.48 -6.08
CA ALA B 125 15.95 6.50 -6.69
C ALA B 125 15.33 7.90 -6.66
N ASP B 126 15.58 8.68 -5.61
CA ASP B 126 15.12 10.07 -5.65
C ASP B 126 15.65 10.77 -6.89
N GLU B 127 16.93 10.53 -7.22
CA GLU B 127 17.56 11.24 -8.32
C GLU B 127 17.05 10.77 -9.68
N GLU B 128 17.04 9.44 -9.90
CA GLU B 128 16.42 8.90 -11.11
C GLU B 128 15.06 9.53 -11.31
N PHE B 129 14.28 9.61 -10.24
CA PHE B 129 12.94 10.16 -10.38
C PHE B 129 12.97 11.65 -10.62
N PHE B 130 13.94 12.35 -10.03
CA PHE B 130 14.06 13.80 -10.26
C PHE B 130 14.30 14.09 -11.73
N ALA B 131 15.24 13.38 -12.35
CA ALA B 131 15.55 13.59 -13.75
C ALA B 131 14.32 13.39 -14.64
N LYS B 132 13.38 12.53 -14.23
CA LYS B 132 12.22 12.23 -15.06
C LYS B 132 11.02 13.13 -14.80
N THR B 133 10.93 13.77 -13.63
CA THR B 133 9.70 14.45 -13.24
C THR B 133 9.90 15.85 -12.71
N GLY B 134 11.14 16.25 -12.46
CA GLY B 134 11.39 17.50 -11.77
C GLY B 134 11.16 17.44 -10.28
N THR B 135 11.14 16.22 -9.70
CA THR B 135 10.74 16.03 -8.32
C THR B 135 11.31 14.72 -7.79
N PRO B 136 11.75 14.67 -6.55
CA PRO B 136 12.15 13.39 -5.94
C PRO B 136 10.93 12.59 -5.49
N LEU B 137 11.16 11.39 -4.96
CA LEU B 137 10.06 10.65 -4.35
C LEU B 137 9.77 11.20 -2.97
N PHE B 138 10.75 11.14 -2.08
CA PHE B 138 10.54 11.59 -0.72
C PHE B 138 10.69 13.11 -0.61
N SER B 139 9.94 13.69 0.34
CA SER B 139 10.08 15.12 0.63
C SER B 139 11.33 15.41 1.44
N SER B 140 11.60 14.59 2.45
CA SER B 140 12.74 14.78 3.33
C SER B 140 13.28 13.42 3.73
N HIS B 141 14.49 13.41 4.30
CA HIS B 141 15.08 12.22 4.88
C HIS B 141 15.76 12.56 6.19
N MET B 142 15.90 11.58 7.07
CA MET B 142 16.59 11.81 8.33
C MET B 142 17.89 11.02 8.37
N LEU B 143 18.95 11.70 8.80
CA LEU B 143 20.20 11.08 9.23
C LEU B 143 20.28 11.19 10.74
N ASP B 144 20.62 10.09 11.42
CA ASP B 144 20.82 10.05 12.87
C ASP B 144 22.22 9.51 13.13
N LEU B 145 23.23 10.35 13.00
CA LEU B 145 24.59 9.93 13.34
C LEU B 145 25.03 10.50 14.69
N SER B 146 24.09 10.57 15.63
CA SER B 146 24.37 11.14 16.93
C SER B 146 25.31 10.24 17.75
N GLU B 147 25.34 8.93 17.50
CA GLU B 147 26.29 8.07 18.20
C GLU B 147 27.71 8.19 17.65
N GLU B 148 27.91 8.85 16.52
CA GLU B 148 29.27 9.13 16.09
C GLU B 148 29.69 10.49 16.65
N THR B 149 30.95 10.81 16.52
CA THR B 149 31.45 12.06 17.01
C THR B 149 30.84 13.15 16.24
N ASP B 150 30.52 14.25 16.87
CA ASP B 150 29.88 15.32 16.16
C ASP B 150 30.53 15.98 14.98
N ASP B 151 31.82 15.87 14.78
CA ASP B 151 32.40 16.46 13.61
C ASP B 151 32.30 15.46 12.51
N GLU B 152 32.14 14.18 12.84
CA GLU B 152 31.89 13.17 11.82
C GLU B 152 30.42 13.11 11.45
N ASN B 153 29.54 13.22 12.45
CA ASN B 153 28.11 13.34 12.21
C ASN B 153 27.82 14.49 11.25
N ILE B 154 28.33 15.69 11.54
CA ILE B 154 28.04 16.82 10.68
C ILE B 154 28.75 16.68 9.33
N ALA B 155 29.86 15.94 9.30
CA ALA B 155 30.64 15.80 8.08
C ALA B 155 29.85 15.06 7.00
N THR B 156 29.36 13.85 7.31
CA THR B 156 28.65 13.10 6.30
C THR B 156 27.31 13.74 5.94
N CYS B 157 26.60 14.31 6.93
CA CYS B 157 25.36 15.04 6.64
C CYS B 157 25.57 16.09 5.55
N ALA B 158 26.65 16.88 5.68
CA ALA B 158 26.95 17.91 4.69
C ALA B 158 27.13 17.33 3.30
N LYS B 159 27.86 16.21 3.20
CA LYS B 159 28.08 15.60 1.89
C LYS B 159 26.77 15.12 1.29
N TYR B 160 25.91 14.49 2.11
CA TYR B 160 24.61 14.04 1.63
C TYR B 160 23.70 15.22 1.32
N PHE B 161 23.70 16.23 2.19
CA PHE B 161 22.89 17.42 1.96
C PHE B 161 23.26 18.13 0.67
N GLU B 162 24.54 18.06 0.28
CA GLU B 162 24.97 18.67 -0.97
C GLU B 162 24.36 17.96 -2.16
N ARG B 163 24.26 16.63 -2.09
CA ARG B 163 23.52 15.87 -3.07
C ARG B 163 22.03 16.23 -3.04
N MET B 164 21.42 16.24 -1.84
CA MET B 164 19.99 16.50 -1.72
C MET B 164 19.61 17.92 -2.12
N ALA B 165 20.51 18.88 -1.94
CA ALA B 165 20.13 20.27 -2.18
C ALA B 165 19.90 20.53 -3.67
N LYS B 166 20.59 19.80 -4.56
CA LYS B 166 20.25 19.89 -5.97
C LYS B 166 18.77 19.65 -6.21
N MET B 167 18.14 18.84 -5.35
CA MET B 167 16.74 18.45 -5.50
C MET B 167 15.79 19.24 -4.63
N GLY B 168 16.26 20.30 -3.96
CA GLY B 168 15.38 21.00 -3.04
C GLY B 168 14.90 20.14 -1.88
N GLN B 169 15.53 18.98 -1.67
CA GLN B 169 15.08 18.00 -0.71
C GLN B 169 15.49 18.37 0.71
N TRP B 170 14.64 18.03 1.68
CA TRP B 170 14.82 18.45 3.07
C TRP B 170 15.59 17.39 3.84
N LEU B 171 16.57 17.82 4.61
CA LEU B 171 17.35 16.90 5.42
C LEU B 171 17.12 17.17 6.89
N GLU B 172 16.91 16.11 7.66
CA GLU B 172 16.71 16.22 9.08
C GLU B 172 17.83 15.45 9.76
N MET B 173 18.46 16.08 10.73
CA MET B 173 19.70 15.60 11.32
C MET B 173 19.55 15.52 12.83
N GLU B 174 20.15 14.54 13.45
CA GLU B 174 20.08 14.35 14.86
C GLU B 174 21.46 14.35 15.47
N ILE B 175 21.64 15.13 16.53
CA ILE B 175 22.90 15.21 17.25
C ILE B 175 22.63 14.95 18.71
N GLY B 176 23.60 14.30 19.37
CA GLY B 176 23.36 13.81 20.72
C GLY B 176 24.23 14.48 21.74
N ILE B 177 24.87 13.67 22.58
CA ILE B 177 25.68 14.15 23.68
C ILE B 177 27.14 13.74 23.55
N THR B 178 27.51 13.14 22.43
CA THR B 178 28.88 12.72 22.22
C THR B 178 29.72 13.95 21.85
N GLY B 179 31.00 13.79 21.63
CA GLY B 179 31.80 14.96 21.30
C GLY B 179 32.61 14.87 20.03
N GLY B 180 33.88 15.23 20.08
CA GLY B 180 34.74 15.16 18.91
C GLY B 180 35.43 16.41 18.40
N LEU B 195 22.93 14.63 30.62
CA LEU B 195 23.56 15.60 29.73
C LEU B 195 22.71 15.90 28.50
N TYR B 196 22.85 17.12 28.02
CA TYR B 196 22.12 17.64 26.92
C TYR B 196 23.04 18.19 25.90
N THR B 197 22.53 18.33 24.71
CA THR B 197 23.30 18.89 23.65
C THR B 197 23.35 20.35 23.91
N SER B 198 24.46 20.97 23.64
CA SER B 198 24.59 22.38 23.80
C SER B 198 24.11 23.10 22.61
N PRO B 199 24.00 24.41 22.73
CA PRO B 199 23.67 25.36 21.69
C PRO B 199 24.85 25.58 20.79
N GLU B 200 26.02 25.38 21.34
CA GLU B 200 27.26 25.51 20.70
C GLU B 200 27.39 24.40 19.71
N THR B 201 26.96 23.22 20.07
CA THR B 201 27.06 22.12 19.15
C THR B 201 26.00 22.25 18.10
N VAL B 202 24.83 22.66 18.48
CA VAL B 202 23.76 22.79 17.54
C VAL B 202 24.09 23.80 16.50
N PHE B 203 24.58 24.94 16.91
CA PHE B 203 24.94 25.97 15.94
C PHE B 203 26.08 25.52 15.03
N ALA B 204 26.90 24.58 15.48
CA ALA B 204 27.86 23.96 14.58
C ALA B 204 27.17 23.36 13.37
N VAL B 205 26.15 22.52 13.60
CA VAL B 205 25.39 21.92 12.51
C VAL B 205 24.88 23.01 11.57
N TYR B 206 24.15 23.99 12.13
CA TYR B 206 23.64 25.07 11.31
C TYR B 206 24.78 25.76 10.56
N GLU B 207 25.94 25.89 11.21
CA GLU B 207 27.10 26.52 10.56
C GLU B 207 27.42 25.80 9.26
N SER B 208 27.42 24.47 9.28
CA SER B 208 27.84 23.70 8.11
C SER B 208 26.72 23.55 7.09
N LEU B 209 25.54 23.09 7.54
CA LEU B 209 24.48 22.80 6.59
C LEU B 209 23.95 24.06 5.91
N HIS B 210 23.98 25.20 6.62
CA HIS B 210 23.43 26.42 6.02
C HIS B 210 24.24 26.89 4.83
N LYS B 211 25.50 26.46 4.71
CA LYS B 211 26.25 26.70 3.49
C LYS B 211 25.52 26.11 2.29
N ILE B 212 25.10 24.85 2.41
CA ILE B 212 24.53 24.11 1.30
C ILE B 212 23.12 24.62 0.96
N SER B 213 22.24 24.72 1.96
CA SER B 213 20.85 25.07 1.66
C SER B 213 20.08 25.37 2.94
N PRO B 214 19.02 26.17 2.87
CA PRO B 214 18.24 26.39 4.10
C PRO B 214 17.45 25.17 4.57
N ASN B 215 17.09 24.28 3.65
CA ASN B 215 16.05 23.26 3.89
C ASN B 215 16.59 22.13 4.77
N PHE B 216 16.71 22.41 6.07
CA PHE B 216 17.12 21.40 7.04
C PHE B 216 16.59 21.73 8.43
N SER B 217 16.61 20.73 9.31
CA SER B 217 16.04 20.83 10.64
C SER B 217 16.85 19.96 11.59
N ILE B 218 16.89 20.35 12.85
CA ILE B 218 17.75 19.68 13.83
C ILE B 218 16.89 19.01 14.90
N ALA B 219 17.31 17.82 15.30
CA ALA B 219 16.82 17.14 16.48
C ALA B 219 17.99 16.98 17.45
N ALA B 220 17.88 17.62 18.62
CA ALA B 220 18.92 17.59 19.64
C ALA B 220 18.44 16.81 20.85
N ALA B 221 19.41 16.29 21.62
CA ALA B 221 19.13 15.61 22.87
C ALA B 221 18.81 16.63 23.96
N PHE B 222 17.55 16.73 24.35
CA PHE B 222 17.11 17.61 25.43
C PHE B 222 16.32 16.81 26.46
N GLY B 223 16.75 15.55 26.69
CA GLY B 223 16.13 14.72 27.69
C GLY B 223 14.97 13.90 27.20
N ASN B 224 14.79 13.83 25.90
CA ASN B 224 13.70 13.11 25.31
C ASN B 224 14.18 11.75 24.90
N VAL B 225 14.45 10.90 25.84
CA VAL B 225 15.07 9.65 25.49
C VAL B 225 14.31 8.72 24.59
N HIS B 226 14.99 8.19 23.59
CA HIS B 226 14.43 7.24 22.63
C HIS B 226 15.51 6.34 22.05
N ASN B 233 17.64 9.87 36.24
CA ASN B 233 18.36 10.10 35.00
C ASN B 233 18.03 11.50 34.58
N VAL B 234 17.91 11.69 33.29
CA VAL B 234 17.67 12.98 32.70
C VAL B 234 16.23 13.31 32.58
N GLN B 235 15.83 14.51 32.94
CA GLN B 235 14.44 14.88 32.75
C GLN B 235 14.35 15.58 31.42
N LEU B 236 13.14 15.62 30.90
CA LEU B 236 12.84 16.31 29.65
C LEU B 236 12.74 17.81 29.87
N ARG B 237 13.56 18.58 29.13
CA ARG B 237 13.67 20.03 29.33
C ARG B 237 13.52 20.74 27.98
N PRO B 238 12.29 20.97 27.53
CA PRO B 238 12.09 21.71 26.27
C PRO B 238 12.69 23.11 26.27
N GLU B 239 12.96 23.69 27.44
CA GLU B 239 13.48 25.06 27.51
C GLU B 239 14.82 25.19 26.78
N ILE B 240 15.61 24.12 26.74
CA ILE B 240 16.91 24.15 26.09
C ILE B 240 16.75 24.49 24.61
N LEU B 241 15.63 24.08 24.02
CA LEU B 241 15.39 24.41 22.62
C LEU B 241 15.37 25.92 22.43
N GLY B 242 14.77 26.65 23.37
CA GLY B 242 14.90 28.09 23.34
C GLY B 242 16.35 28.52 23.41
N ASP B 243 17.16 27.82 24.19
CA ASP B 243 18.56 28.19 24.32
C ASP B 243 19.27 28.08 22.97
N HIS B 244 18.95 27.06 22.23
CA HIS B 244 19.54 26.89 20.94
C HIS B 244 19.15 28.03 20.06
N GLN B 245 17.87 28.35 20.03
CA GLN B 245 17.40 29.47 19.22
C GLN B 245 18.08 30.77 19.60
N VAL B 246 18.15 31.09 20.90
CA VAL B 246 18.72 32.38 21.27
C VAL B 246 20.24 32.37 21.10
N TYR B 247 20.89 31.20 21.23
CA TYR B 247 22.32 31.14 20.92
C TYR B 247 22.57 31.43 19.45
N ALA B 248 21.92 30.67 18.57
CA ALA B 248 22.05 30.90 17.14
C ALA B 248 21.62 32.31 16.77
N LYS B 249 20.53 32.79 17.38
CA LYS B 249 20.04 34.16 17.16
C LYS B 249 21.15 35.18 17.32
N LYS B 250 21.81 35.16 18.49
CA LYS B 250 22.85 36.14 18.78
C LYS B 250 24.01 36.02 17.80
N GLN B 251 24.49 34.80 17.56
CA GLN B 251 25.67 34.67 16.70
C GLN B 251 25.35 34.78 15.23
N ILE B 252 24.08 34.91 14.86
CA ILE B 252 23.74 35.47 13.57
C ILE B 252 23.58 36.97 13.67
N GLY B 253 22.86 37.43 14.68
CA GLY B 253 22.51 38.82 14.81
C GLY B 253 21.18 39.21 14.21
N THR B 254 20.32 38.25 13.90
CA THR B 254 19.06 38.57 13.25
C THR B 254 17.99 38.97 14.25
N ASP B 255 16.83 39.30 13.71
CA ASP B 255 15.67 39.78 14.44
C ASP B 255 14.67 38.68 14.79
N ALA B 256 14.66 37.58 14.03
CA ALA B 256 13.57 36.61 14.06
C ALA B 256 13.71 35.62 15.20
N LYS B 257 12.55 35.19 15.73
CA LYS B 257 12.54 34.37 16.94
C LYS B 257 13.17 33.01 16.70
N HIS B 258 13.02 32.44 15.49
CA HIS B 258 13.38 31.05 15.22
C HIS B 258 14.28 30.90 14.00
N PRO B 259 15.59 30.95 14.19
CA PRO B 259 16.50 30.63 13.08
C PRO B 259 16.70 29.13 12.87
N LEU B 260 16.11 28.30 13.72
CA LEU B 260 16.33 26.87 13.64
C LEU B 260 15.01 26.15 13.40
N TYR B 261 15.07 25.09 12.61
CA TYR B 261 13.95 24.17 12.47
C TYR B 261 14.21 22.99 13.40
N LEU B 262 13.31 22.76 14.34
CA LEU B 262 13.55 21.82 15.43
C LEU B 262 12.47 20.74 15.45
N VAL B 263 12.87 19.55 15.88
CA VAL B 263 12.05 18.34 15.78
C VAL B 263 12.04 17.64 17.12
N PHE B 264 10.87 17.14 17.52
CA PHE B 264 10.67 16.50 18.82
C PHE B 264 10.54 14.98 18.62
N HIS B 265 11.54 14.24 19.04
CA HIS B 265 11.53 12.81 18.95
C HIS B 265 11.23 12.18 20.27
N GLY B 266 10.51 11.07 20.21
CA GLY B 266 10.18 10.27 21.36
C GLY B 266 9.67 11.05 22.51
N GLY B 267 8.59 11.75 22.29
CA GLY B 267 8.11 12.59 23.37
C GLY B 267 6.64 12.38 23.65
N SER B 268 6.10 11.24 23.22
CA SER B 268 4.73 10.91 23.55
C SER B 268 4.57 10.83 25.06
N GLY B 269 3.40 11.26 25.54
CA GLY B 269 3.15 11.30 26.96
C GLY B 269 3.73 12.50 27.68
N SER B 270 4.31 13.45 26.96
CA SER B 270 4.69 14.73 27.55
C SER B 270 3.44 15.58 27.72
N THR B 271 3.48 16.47 28.70
CA THR B 271 2.30 17.26 28.97
C THR B 271 2.04 18.25 27.84
N GLN B 272 0.81 18.75 27.79
CA GLN B 272 0.50 19.85 26.88
C GLN B 272 1.41 21.05 27.14
N GLU B 273 1.77 21.29 28.40
CA GLU B 273 2.64 22.43 28.65
C GLU B 273 4.03 22.17 28.08
N GLU B 274 4.54 20.94 28.23
CA GLU B 274 5.86 20.61 27.70
C GLU B 274 5.87 20.69 26.18
N PHE B 275 4.80 20.20 25.54
CA PHE B 275 4.68 20.38 24.10
C PHE B 275 4.60 21.85 23.74
N ASN B 276 3.86 22.64 24.53
CA ASN B 276 3.68 24.04 24.21
C ASN B 276 4.98 24.82 24.33
N THR B 277 5.84 24.46 25.28
CA THR B 277 7.06 25.23 25.32
C THR B 277 8.00 24.81 24.18
N ALA B 278 7.93 23.54 23.76
CA ALA B 278 8.77 23.10 22.64
C ALA B 278 8.36 23.77 21.33
N ILE B 279 7.05 23.91 21.11
CA ILE B 279 6.58 24.57 19.90
C ILE B 279 7.03 26.03 19.89
N LYS B 280 6.82 26.72 21.00
CA LYS B 280 7.16 28.13 21.02
C LYS B 280 8.66 28.37 20.86
N ASN B 281 9.48 27.33 21.04
CA ASN B 281 10.89 27.38 20.68
C ASN B 281 11.15 26.89 19.26
N GLY B 282 10.13 26.68 18.45
CA GLY B 282 10.32 26.40 17.05
C GLY B 282 10.32 24.95 16.65
N VAL B 283 9.86 24.04 17.52
CA VAL B 283 9.57 22.70 17.06
C VAL B 283 8.43 22.77 16.08
N VAL B 284 8.60 22.13 14.92
CA VAL B 284 7.57 22.08 13.90
C VAL B 284 7.09 20.66 13.62
N LYS B 285 7.73 19.65 14.20
CA LYS B 285 7.49 18.26 13.84
C LYS B 285 7.63 17.42 15.09
N VAL B 286 6.54 16.77 15.52
CA VAL B 286 6.56 15.87 16.67
C VAL B 286 6.27 14.47 16.17
N ASN B 287 7.17 13.53 16.38
CA ASN B 287 7.00 12.19 15.90
C ASN B 287 6.10 11.32 16.72
N LEU B 288 5.24 10.55 16.07
CA LEU B 288 4.37 9.66 16.77
C LEU B 288 4.53 8.30 16.18
N ASP B 289 4.67 7.28 16.99
CA ASP B 289 4.79 5.93 16.48
C ASP B 289 4.04 4.98 17.34
N THR B 290 4.54 4.60 18.49
CA THR B 290 3.82 3.62 19.28
C THR B 290 2.44 3.92 19.71
N ASP B 291 2.07 5.15 19.89
CA ASP B 291 0.74 5.49 20.28
C ASP B 291 -0.26 5.15 19.24
N CYS B 292 0.10 5.37 18.00
CA CYS B 292 -0.74 5.09 16.88
C CYS B 292 -0.83 3.61 16.68
N GLN B 293 0.23 2.91 16.98
CA GLN B 293 0.25 1.51 16.90
C GLN B 293 -0.75 0.94 17.84
N TYR B 294 -0.73 1.37 19.07
CA TYR B 294 -1.66 0.83 19.99
C TYR B 294 -3.07 1.17 19.61
N ALA B 295 -3.31 2.36 19.15
CA ALA B 295 -4.65 2.76 18.74
C ALA B 295 -5.12 1.96 17.53
N TYR B 296 -4.22 1.72 16.58
CA TYR B 296 -4.59 0.94 15.40
C TYR B 296 -5.07 -0.44 15.78
N LEU B 297 -4.24 -1.16 16.55
CA LEU B 297 -4.63 -2.42 17.14
C LEU B 297 -5.96 -2.32 17.87
N THR B 298 -6.17 -1.24 18.61
CA THR B 298 -7.32 -1.13 19.51
C THR B 298 -8.63 -1.48 18.82
N GLY B 299 -8.90 -0.85 17.67
CA GLY B 299 -10.17 -1.07 17.00
C GLY B 299 -10.29 -2.46 16.41
N ILE B 300 -9.17 -3.04 15.98
CA ILE B 300 -9.21 -4.40 15.47
C ILE B 300 -9.30 -5.39 16.64
N ARG B 301 -8.67 -5.09 17.73
CA ARG B 301 -8.79 -5.98 18.85
C ARG B 301 -10.19 -5.95 19.36
N ASP B 302 -10.83 -4.80 19.45
CA ASP B 302 -12.20 -4.73 19.91
C ASP B 302 -13.13 -5.58 19.05
N TYR B 303 -12.70 -5.91 17.83
CA TYR B 303 -13.35 -6.96 17.06
C TYR B 303 -13.07 -8.33 17.69
N VAL B 304 -12.92 -8.37 19.03
CA VAL B 304 -13.08 -9.59 19.82
C VAL B 304 -14.52 -10.02 19.62
N THR B 305 -15.41 -9.41 20.41
CA THR B 305 -16.83 -9.22 20.15
C THR B 305 -17.47 -10.19 19.16
N ASN B 306 -16.95 -10.22 17.97
CA ASN B 306 -17.55 -11.06 16.97
C ASN B 306 -16.72 -12.26 16.77
N LYS B 307 -16.14 -12.76 17.82
CA LYS B 307 -15.31 -13.94 17.73
C LYS B 307 -16.11 -15.15 17.35
N ILE B 308 -17.39 -15.14 17.66
CA ILE B 308 -18.22 -16.28 17.38
C ILE B 308 -18.67 -16.29 15.94
N GLU B 309 -18.58 -15.13 15.34
CA GLU B 309 -18.82 -14.99 13.94
C GLU B 309 -17.53 -15.15 13.20
N TYR B 310 -16.42 -15.32 13.88
CA TYR B 310 -15.18 -15.43 13.18
C TYR B 310 -14.67 -16.80 12.88
N LEU B 311 -15.55 -17.70 12.50
CA LEU B 311 -15.17 -19.05 12.03
C LEU B 311 -15.86 -19.29 10.69
N LYS B 312 -15.09 -19.74 9.71
CA LYS B 312 -15.54 -19.96 8.35
C LYS B 312 -16.97 -19.83 7.82
N ALA B 313 -17.97 -20.49 8.37
CA ALA B 313 -19.32 -20.43 7.78
C ALA B 313 -20.52 -20.50 8.71
N PRO B 314 -20.36 -21.21 9.80
CA PRO B 314 -21.32 -21.43 10.87
C PRO B 314 -21.30 -20.33 11.89
N VAL B 315 -22.35 -19.55 11.98
CA VAL B 315 -22.38 -18.46 12.93
C VAL B 315 -23.29 -18.63 14.11
N GLY B 316 -22.73 -18.65 15.28
CA GLY B 316 -23.58 -18.79 16.44
C GLY B 316 -24.37 -17.51 16.57
N ASN B 317 -25.58 -17.48 16.00
CA ASN B 317 -26.47 -16.31 16.00
C ASN B 317 -27.73 -16.74 15.34
N PRO B 318 -27.70 -16.82 14.03
CA PRO B 318 -28.89 -17.27 13.36
C PRO B 318 -28.79 -18.76 13.17
N GLU B 319 -28.03 -19.28 12.21
CA GLU B 319 -28.01 -20.73 12.11
C GLU B 319 -26.62 -21.29 12.02
N GLY B 320 -26.42 -22.48 12.55
CA GLY B 320 -25.11 -23.07 12.48
C GLY B 320 -24.50 -23.67 11.26
N ALA B 321 -25.00 -23.31 10.10
CA ALA B 321 -24.49 -23.81 8.86
C ALA B 321 -25.13 -22.81 8.01
N ASP B 322 -26.43 -23.01 7.80
CA ASP B 322 -27.30 -22.15 7.00
C ASP B 322 -26.93 -20.64 6.85
N LYS B 323 -26.59 -19.95 7.95
CA LYS B 323 -26.22 -18.54 7.90
C LYS B 323 -24.69 -18.42 7.89
N PRO B 324 -24.08 -17.64 6.97
CA PRO B 324 -22.65 -17.47 6.73
C PRO B 324 -21.99 -16.23 7.29
N ASN B 325 -20.67 -16.21 7.36
CA ASN B 325 -19.94 -15.11 7.95
C ASN B 325 -19.13 -14.17 7.17
N LYS B 326 -19.07 -14.34 5.88
CA LYS B 326 -18.21 -13.53 5.02
C LYS B 326 -18.47 -12.04 5.22
N LYS B 327 -19.70 -11.67 5.63
CA LYS B 327 -19.97 -10.27 5.89
C LYS B 327 -19.19 -9.75 7.08
N TYR B 328 -18.71 -10.63 7.98
CA TYR B 328 -17.92 -10.21 9.13
C TYR B 328 -16.43 -10.51 9.01
N PHE B 329 -16.05 -11.41 8.14
CA PHE B 329 -14.65 -11.69 7.97
C PHE B 329 -14.00 -10.95 6.84
N ASP B 330 -14.78 -10.25 6.06
CA ASP B 330 -14.26 -9.31 5.09
C ASP B 330 -13.25 -8.38 5.74
N PRO B 331 -11.99 -8.37 5.30
CA PRO B 331 -11.01 -7.45 5.90
C PRO B 331 -11.39 -6.00 5.71
N ARG B 332 -12.16 -5.67 4.67
CA ARG B 332 -12.67 -4.32 4.51
C ARG B 332 -13.53 -3.87 5.69
N VAL B 333 -14.00 -4.79 6.50
CA VAL B 333 -14.81 -4.38 7.65
C VAL B 333 -13.90 -4.17 8.85
N TRP B 334 -13.25 -5.24 9.31
CA TRP B 334 -12.57 -5.15 10.59
C TRP B 334 -11.28 -4.34 10.50
N VAL B 335 -10.52 -4.44 9.40
CA VAL B 335 -9.33 -3.59 9.25
C VAL B 335 -9.74 -2.13 9.35
N ARG B 336 -10.89 -1.78 8.79
CA ARG B 336 -11.34 -0.39 8.83
C ARG B 336 -11.48 0.08 10.29
N GLU B 337 -11.94 -0.81 11.17
CA GLU B 337 -12.08 -0.46 12.57
C GLU B 337 -10.75 -0.01 13.18
N GLY B 338 -9.65 -0.71 12.83
CA GLY B 338 -8.33 -0.25 13.24
C GLY B 338 -7.98 1.11 12.66
N GLU B 339 -8.35 1.36 11.40
CA GLU B 339 -8.12 2.67 10.83
C GLU B 339 -8.84 3.74 11.63
N LYS B 340 -10.12 3.52 11.91
CA LYS B 340 -10.90 4.53 12.60
C LYS B 340 -10.30 4.85 13.97
N THR B 341 -9.85 3.83 14.72
CA THR B 341 -9.29 4.16 16.04
C THR B 341 -7.89 4.74 15.91
N MET B 342 -7.16 4.43 14.84
CA MET B 342 -5.86 5.04 14.68
C MET B 342 -6.01 6.52 14.35
N SER B 343 -6.91 6.84 13.43
CA SER B 343 -7.12 8.25 13.08
C SER B 343 -7.59 9.06 14.27
N LYS B 344 -8.38 8.46 15.16
CA LYS B 344 -8.83 9.14 16.37
C LYS B 344 -7.65 9.52 17.25
N ARG B 345 -6.68 8.61 17.40
CA ARG B 345 -5.47 8.96 18.15
C ARG B 345 -4.71 10.08 17.46
N ILE B 346 -4.72 10.08 16.12
CA ILE B 346 -4.02 11.14 15.38
C ILE B 346 -4.76 12.46 15.49
N ALA B 347 -6.10 12.43 15.54
CA ALA B 347 -6.84 13.67 15.68
C ALA B 347 -6.56 14.36 17.02
N GLU B 348 -6.47 13.59 18.11
CA GLU B 348 -6.05 14.19 19.38
C GLU B 348 -4.70 14.89 19.23
N ALA B 349 -3.77 14.23 18.54
CA ALA B 349 -2.44 14.82 18.37
C ALA B 349 -2.53 16.14 17.65
N LEU B 350 -3.39 16.25 16.64
CA LEU B 350 -3.49 17.50 15.89
C LEU B 350 -4.11 18.61 16.73
N ASP B 351 -4.99 18.27 17.67
CA ASP B 351 -5.49 19.24 18.64
C ASP B 351 -4.40 19.62 19.63
N ILE B 352 -3.68 18.63 20.17
CA ILE B 352 -2.68 18.91 21.17
C ILE B 352 -1.56 19.75 20.59
N PHE B 353 -1.17 19.50 19.34
CA PHE B 353 -0.11 20.27 18.69
C PHE B 353 -0.62 21.52 17.98
N HIS B 354 -1.92 21.82 18.08
CA HIS B 354 -2.55 23.01 17.55
C HIS B 354 -2.53 23.06 16.03
N THR B 355 -2.08 21.99 15.38
CA THR B 355 -2.10 21.94 13.92
C THR B 355 -3.50 21.78 13.37
N LYS B 356 -4.47 21.41 14.21
CA LYS B 356 -5.85 21.23 13.75
C LYS B 356 -6.34 22.51 13.10
N GLY B 357 -6.94 22.39 11.92
CA GLY B 357 -7.61 23.51 11.31
C GLY B 357 -6.73 24.62 10.80
N GLN B 358 -5.45 24.37 10.58
CA GLN B 358 -4.53 25.39 10.09
C GLN B 358 -4.55 25.57 8.56
N LEU B 359 -5.39 24.88 7.80
CA LEU B 359 -5.36 25.10 6.35
C LEU B 359 -6.49 26.03 5.92
ZN ZN C . -18.28 -13.20 -12.40
C1 EDO D . 6.29 3.91 -10.54
O1 EDO D . 6.47 4.27 -11.92
C2 EDO D . 5.87 2.45 -10.46
O2 EDO D . 4.56 2.35 -11.03
ZN ZN E . 16.10 10.42 17.46
C1 EDO F . 3.41 8.29 -8.29
O1 EDO F . 4.68 8.39 -7.62
C2 EDO F . 3.50 8.94 -9.66
O2 EDO F . 3.83 7.92 -10.63
#